data_1K62
#
_entry.id   1K62
#
_cell.length_a   104.202
_cell.length_b   104.202
_cell.length_c   183.019
_cell.angle_alpha   90.00
_cell.angle_beta   90.00
_cell.angle_gamma   120.00
#
_symmetry.space_group_name_H-M   'P 31 2 1'
#
loop_
_entity.id
_entity.type
_entity.pdbx_description
1 polymer 'Argininosuccinate Lyase'
2 water water
#
_entity_poly.entity_id   1
_entity_poly.type   'polypeptide(L)'
_entity_poly.pdbx_seq_one_letter_code
;MASESGKLWGGRFVGAVDPIMEKFNASIAYDRHLWEVDVQGSKAYSRGLEKAGLLTKAEMDQILHGLDKVAEEWAQGTFK
LNSNDEDIHTANERRLKELIGATAGKLHTGRSRNDQVVTDLRLWMRQTCSTLSGLLWELIRTMVDRAEAERDVLFPGYTH
LQRAQPIRWSHWILSHAVALTRDSERLLEVRKRINVLPLGSGAIAGNPLGVDRELLRAELNFGAITLNSMDATSERDFVA
EFLFWRSLCMTHLSRMAEDLILYCTKEFSFVQLSDAYSTGSSLMPRKKNPDSLELIRSKAGRVFGRCAGLLMTLKGLPST
YNKDLQEDKEAVFEVSDTMSAVLQVATGVISTLQIHQENMGQALSPDMLATDLAYYLVRKGMPFRQAHEASGKAVFMAET
KGVALNQLSLQELQTISPLFSGDVICVWDYRHSVEQYGALGGTARSSVDWQIRQVRALLQAQQA
;
_entity_poly.pdbx_strand_id   A,B
#
# COMPACT_ATOMS: atom_id res chain seq x y z
N GLY A 15 15.86 28.29 -30.25
CA GLY A 15 16.71 29.35 -29.65
C GLY A 15 15.95 30.29 -28.74
N ALA A 16 15.10 31.12 -29.32
CA ALA A 16 14.29 32.08 -28.56
C ALA A 16 13.07 31.38 -27.98
N VAL A 17 12.69 30.28 -28.62
CA VAL A 17 11.53 29.49 -28.19
C VAL A 17 11.79 28.00 -28.37
N ASP A 18 11.53 27.24 -27.32
CA ASP A 18 11.71 25.80 -27.39
C ASP A 18 10.34 25.16 -27.36
N PRO A 19 10.04 24.35 -28.38
CA PRO A 19 8.76 23.66 -28.52
C PRO A 19 8.38 22.76 -27.34
N ILE A 20 9.36 22.10 -26.73
CA ILE A 20 9.08 21.22 -25.59
C ILE A 20 8.71 22.07 -24.38
N MET A 21 9.47 23.14 -24.17
CA MET A 21 9.25 24.05 -23.05
C MET A 21 7.83 24.61 -23.06
N GLU A 22 7.31 24.92 -24.25
CA GLU A 22 5.97 25.47 -24.37
C GLU A 22 4.93 24.41 -24.04
N LYS A 23 5.03 23.28 -24.75
CA LYS A 23 4.11 22.17 -24.55
C LYS A 23 4.13 21.77 -23.08
N PHE A 24 5.34 21.73 -22.52
CA PHE A 24 5.60 21.38 -21.13
C PHE A 24 4.85 22.33 -20.20
N ASN A 25 4.90 23.61 -20.54
CA ASN A 25 4.29 24.68 -19.77
C ASN A 25 2.78 24.81 -20.03
N ALA A 26 2.30 24.24 -21.13
CA ALA A 26 0.89 24.31 -21.48
C ALA A 26 0.00 23.64 -20.46
N SER A 27 -1.19 24.20 -20.26
CA SER A 27 -2.16 23.65 -19.31
C SER A 27 -3.58 23.65 -19.85
N ILE A 28 -3.79 24.33 -20.98
CA ILE A 28 -5.10 24.42 -21.59
C ILE A 28 -5.67 23.01 -21.81
N ALA A 29 -4.78 22.06 -22.05
CA ALA A 29 -5.18 20.68 -22.29
C ALA A 29 -6.16 20.16 -21.25
N TYR A 30 -5.88 20.42 -19.97
CA TYR A 30 -6.75 19.93 -18.91
C TYR A 30 -7.58 20.98 -18.17
N ASP A 31 -7.01 22.16 -17.92
CA ASP A 31 -7.74 23.19 -17.19
C ASP A 31 -8.91 23.78 -17.98
N ARG A 32 -9.14 23.24 -19.17
CA ARG A 32 -10.25 23.71 -20.00
C ARG A 32 -11.56 23.35 -19.31
N HIS A 33 -11.49 22.44 -18.34
CA HIS A 33 -12.66 22.02 -17.60
C HIS A 33 -13.16 23.13 -16.68
N LEU A 34 -12.28 24.09 -16.41
CA LEU A 34 -12.61 25.21 -15.54
C LEU A 34 -13.31 26.36 -16.26
N TRP A 35 -13.71 26.14 -17.51
CA TRP A 35 -14.35 27.20 -18.29
C TRP A 35 -15.55 27.86 -17.62
N GLU A 36 -16.50 27.06 -17.16
CA GLU A 36 -17.71 27.59 -16.53
C GLU A 36 -17.46 28.35 -15.22
N VAL A 37 -16.65 27.79 -14.33
CA VAL A 37 -16.37 28.45 -13.07
C VAL A 37 -15.52 29.69 -13.30
N ASP A 38 -14.77 29.68 -14.41
CA ASP A 38 -13.90 30.81 -14.77
C ASP A 38 -14.74 32.04 -15.08
N VAL A 39 -15.80 31.88 -15.87
CA VAL A 39 -16.64 33.02 -16.20
C VAL A 39 -17.31 33.53 -14.92
N GLN A 40 -17.86 32.62 -14.11
CA GLN A 40 -18.51 33.02 -12.87
C GLN A 40 -17.56 33.93 -12.08
N GLY A 41 -16.31 33.49 -11.97
CA GLY A 41 -15.33 34.26 -11.24
C GLY A 41 -15.10 35.62 -11.87
N SER A 42 -14.97 35.65 -13.19
CA SER A 42 -14.76 36.93 -13.86
C SER A 42 -15.98 37.83 -13.74
N LYS A 43 -17.17 37.30 -14.01
CA LYS A 43 -18.36 38.13 -13.91
C LYS A 43 -18.43 38.78 -12.53
N ALA A 44 -18.35 37.97 -11.49
CA ALA A 44 -18.41 38.49 -10.14
C ALA A 44 -17.32 39.55 -9.90
N TYR A 45 -16.13 39.31 -10.44
CA TYR A 45 -15.05 40.25 -10.25
C TYR A 45 -15.40 41.60 -10.85
N SER A 46 -15.83 41.60 -12.10
CA SER A 46 -16.19 42.82 -12.80
C SER A 46 -17.29 43.54 -12.02
N ARG A 47 -18.22 42.77 -11.50
CA ARG A 47 -19.32 43.35 -10.74
C ARG A 47 -18.77 44.12 -9.53
N GLY A 48 -17.70 43.61 -8.94
CA GLY A 48 -17.11 44.28 -7.79
C GLY A 48 -16.09 45.32 -8.23
N LEU A 49 -15.74 45.24 -9.51
CA LEU A 49 -14.77 46.14 -10.10
C LEU A 49 -15.37 47.51 -10.36
N GLU A 50 -16.67 47.54 -10.69
CA GLU A 50 -17.33 48.80 -10.96
C GLU A 50 -17.81 49.46 -9.68
N LYS A 51 -17.95 48.68 -8.63
CA LYS A 51 -18.39 49.26 -7.36
C LYS A 51 -17.21 50.05 -6.82
N ALA A 52 -16.02 49.73 -7.29
CA ALA A 52 -14.80 50.41 -6.87
C ALA A 52 -14.57 51.62 -7.77
N GLY A 53 -15.37 51.73 -8.82
CA GLY A 53 -15.25 52.82 -9.75
C GLY A 53 -14.40 52.56 -10.97
N LEU A 54 -13.88 51.33 -11.11
CA LEU A 54 -13.02 51.02 -12.24
C LEU A 54 -13.77 50.78 -13.55
N LEU A 55 -15.08 50.57 -13.45
CA LEU A 55 -15.90 50.35 -14.64
C LEU A 55 -17.14 51.20 -14.53
N THR A 56 -17.79 51.43 -15.67
CA THR A 56 -19.02 52.21 -15.71
C THR A 56 -20.15 51.18 -15.77
N LYS A 57 -21.27 51.51 -15.14
CA LYS A 57 -22.41 50.59 -15.14
C LYS A 57 -22.62 50.07 -16.57
N ALA A 58 -22.20 50.86 -17.54
CA ALA A 58 -22.33 50.49 -18.95
C ALA A 58 -21.26 49.50 -19.35
N GLU A 59 -20.03 49.75 -18.90
CA GLU A 59 -18.90 48.87 -19.20
C GLU A 59 -19.09 47.50 -18.58
N MET A 60 -19.67 47.47 -17.40
CA MET A 60 -19.91 46.20 -16.73
C MET A 60 -20.85 45.34 -17.59
N ASP A 61 -21.99 45.91 -17.96
CA ASP A 61 -22.97 45.21 -18.77
C ASP A 61 -22.32 44.58 -19.99
N GLN A 62 -21.43 45.33 -20.64
CA GLN A 62 -20.73 44.82 -21.80
C GLN A 62 -20.03 43.53 -21.39
N ILE A 63 -19.20 43.64 -20.36
CA ILE A 63 -18.43 42.52 -19.85
C ILE A 63 -19.32 41.34 -19.50
N LEU A 64 -20.30 41.58 -18.62
CA LEU A 64 -21.21 40.53 -18.20
C LEU A 64 -21.91 39.87 -19.38
N HIS A 65 -22.51 40.69 -20.24
CA HIS A 65 -23.21 40.17 -21.41
C HIS A 65 -22.25 39.37 -22.28
N GLY A 66 -21.13 39.97 -22.66
CA GLY A 66 -20.15 39.29 -23.48
C GLY A 66 -19.57 38.04 -22.86
N LEU A 67 -19.46 38.03 -21.54
CA LEU A 67 -18.92 36.88 -20.82
C LEU A 67 -19.88 35.69 -20.95
N ASP A 68 -21.18 36.01 -20.98
CA ASP A 68 -22.21 34.98 -21.15
C ASP A 68 -22.06 34.42 -22.56
N LYS A 69 -21.75 35.28 -23.52
CA LYS A 69 -21.57 34.80 -24.87
C LYS A 69 -20.50 33.73 -24.86
N VAL A 70 -19.43 33.96 -24.10
CA VAL A 70 -18.34 33.00 -24.03
C VAL A 70 -18.79 31.65 -23.44
N ALA A 71 -19.56 31.70 -22.35
CA ALA A 71 -20.05 30.47 -21.72
C ALA A 71 -20.83 29.68 -22.75
N GLU A 72 -21.75 30.38 -23.41
CA GLU A 72 -22.60 29.83 -24.46
C GLU A 72 -21.84 28.91 -25.42
N GLU A 73 -20.75 29.43 -25.98
CA GLU A 73 -19.95 28.66 -26.93
C GLU A 73 -19.41 27.40 -26.30
N TRP A 74 -18.88 27.51 -25.08
CA TRP A 74 -18.36 26.34 -24.40
C TRP A 74 -19.47 25.31 -24.25
N ALA A 75 -20.65 25.77 -23.88
CA ALA A 75 -21.79 24.89 -23.70
C ALA A 75 -22.14 24.10 -24.97
N GLN A 76 -22.19 24.78 -26.11
CA GLN A 76 -22.52 24.15 -27.39
C GLN A 76 -21.33 23.43 -28.01
N GLY A 77 -20.14 23.67 -27.47
CA GLY A 77 -18.97 23.01 -28.02
C GLY A 77 -18.57 23.64 -29.35
N THR A 78 -18.89 24.93 -29.49
CA THR A 78 -18.56 25.67 -30.70
C THR A 78 -17.31 26.51 -30.47
N PHE A 79 -16.90 26.62 -29.22
CA PHE A 79 -15.72 27.39 -28.87
C PHE A 79 -14.50 26.87 -29.61
N LYS A 80 -13.75 27.79 -30.23
CA LYS A 80 -12.57 27.41 -30.99
C LYS A 80 -11.28 27.74 -30.25
N LEU A 81 -10.65 26.74 -29.68
CA LEU A 81 -9.39 26.99 -28.98
C LEU A 81 -8.38 27.50 -29.99
N ASN A 82 -7.48 28.35 -29.51
CA ASN A 82 -6.46 28.94 -30.35
C ASN A 82 -5.13 28.21 -30.12
N SER A 83 -4.30 28.16 -31.14
CA SER A 83 -3.00 27.50 -31.03
C SER A 83 -2.11 28.29 -30.08
N ASN A 84 -2.44 29.56 -29.91
CA ASN A 84 -1.69 30.45 -29.05
C ASN A 84 -2.21 30.43 -27.62
N ASP A 85 -3.32 29.72 -27.41
CA ASP A 85 -3.92 29.64 -26.09
C ASP A 85 -3.13 28.81 -25.09
N GLU A 86 -2.63 29.49 -24.07
CA GLU A 86 -1.85 28.86 -23.02
C GLU A 86 -2.75 28.10 -22.04
N ASP A 87 -3.75 28.79 -21.53
CA ASP A 87 -4.67 28.20 -20.57
C ASP A 87 -6.11 28.65 -20.79
N ILE A 88 -7.02 28.14 -19.97
CA ILE A 88 -8.43 28.47 -20.07
C ILE A 88 -8.68 29.95 -19.73
N HIS A 89 -7.87 30.49 -18.82
CA HIS A 89 -8.02 31.88 -18.42
C HIS A 89 -7.76 32.82 -19.59
N THR A 90 -6.78 32.46 -20.40
CA THR A 90 -6.40 33.25 -21.56
C THR A 90 -7.43 33.13 -22.68
N ALA A 91 -7.83 31.91 -22.97
CA ALA A 91 -8.81 31.65 -24.02
C ALA A 91 -10.11 32.41 -23.80
N ASN A 92 -10.60 32.45 -22.57
CA ASN A 92 -11.83 33.15 -22.28
C ASN A 92 -11.71 34.66 -22.36
N GLU A 93 -10.50 35.17 -22.14
CA GLU A 93 -10.29 36.60 -22.20
C GLU A 93 -9.97 37.06 -23.62
N ARG A 94 -9.48 36.13 -24.44
CA ARG A 94 -9.17 36.44 -25.83
C ARG A 94 -10.48 36.53 -26.58
N ARG A 95 -11.38 35.59 -26.30
CA ARG A 95 -12.67 35.55 -26.97
C ARG A 95 -13.57 36.66 -26.47
N LEU A 96 -13.30 37.17 -25.27
CA LEU A 96 -14.10 38.24 -24.70
C LEU A 96 -13.71 39.54 -25.39
N LYS A 97 -12.41 39.68 -25.66
CA LYS A 97 -11.90 40.88 -26.32
C LYS A 97 -12.49 40.97 -27.71
N GLU A 98 -12.18 39.99 -28.56
CA GLU A 98 -12.68 39.99 -29.91
C GLU A 98 -14.19 39.93 -29.98
N LEU A 99 -14.83 40.01 -28.81
CA LEU A 99 -16.28 39.95 -28.75
C LEU A 99 -16.88 41.30 -28.41
N ILE A 100 -16.25 42.05 -27.50
CA ILE A 100 -16.76 43.35 -27.10
C ILE A 100 -15.73 44.48 -27.13
N GLY A 101 -14.59 44.25 -27.77
CA GLY A 101 -13.58 45.29 -27.87
C GLY A 101 -12.54 45.39 -26.77
N ALA A 102 -11.94 46.57 -26.63
CA ALA A 102 -10.90 46.80 -25.63
C ALA A 102 -11.47 46.95 -24.22
N THR A 103 -12.78 47.15 -24.11
CA THR A 103 -13.41 47.28 -22.81
C THR A 103 -13.09 46.02 -22.01
N ALA A 104 -12.82 44.94 -22.75
CA ALA A 104 -12.49 43.65 -22.13
C ALA A 104 -11.16 43.70 -21.39
N GLY A 105 -10.22 44.48 -21.93
CA GLY A 105 -8.92 44.60 -21.31
C GLY A 105 -8.94 45.37 -20.01
N LYS A 106 -10.12 45.67 -19.51
CA LYS A 106 -10.25 46.40 -18.24
C LYS A 106 -10.64 45.42 -17.15
N LEU A 107 -11.03 44.22 -17.56
CA LEU A 107 -11.46 43.16 -16.66
C LEU A 107 -10.37 42.76 -15.66
N HIS A 108 -9.18 42.45 -16.17
CA HIS A 108 -8.06 42.01 -15.34
C HIS A 108 -7.39 43.04 -14.42
N THR A 109 -7.75 44.32 -14.55
CA THR A 109 -7.13 45.35 -13.70
C THR A 109 -7.18 45.00 -12.22
N GLY A 110 -6.01 44.99 -11.58
CA GLY A 110 -5.94 44.68 -10.16
C GLY A 110 -6.06 43.20 -9.87
N ARG A 111 -6.26 42.39 -10.90
CA ARG A 111 -6.37 40.96 -10.70
C ARG A 111 -5.13 40.26 -11.23
N SER A 112 -4.84 39.08 -10.69
CA SER A 112 -3.68 38.30 -11.10
C SER A 112 -4.12 36.87 -11.37
N ARG A 113 -3.31 36.12 -12.10
CA ARG A 113 -3.65 34.74 -12.37
C ARG A 113 -3.55 33.95 -11.08
N ASN A 114 -2.61 34.35 -10.21
CA ASN A 114 -2.40 33.67 -8.94
C ASN A 114 -3.68 33.56 -8.14
N ASP A 115 -4.41 34.66 -7.99
CA ASP A 115 -5.64 34.59 -7.23
C ASP A 115 -6.85 34.22 -8.10
N GLN A 116 -6.69 34.26 -9.42
CA GLN A 116 -7.81 33.90 -10.29
C GLN A 116 -7.89 32.37 -10.47
N VAL A 117 -6.74 31.74 -10.72
CA VAL A 117 -6.70 30.30 -10.91
C VAL A 117 -7.21 29.56 -9.65
N VAL A 118 -6.71 29.95 -8.48
CA VAL A 118 -7.11 29.31 -7.23
C VAL A 118 -8.59 29.49 -6.93
N THR A 119 -9.19 30.56 -7.41
CA THR A 119 -10.60 30.79 -7.17
C THR A 119 -11.38 29.80 -8.00
N ASP A 120 -10.95 29.61 -9.25
CA ASP A 120 -11.62 28.66 -10.14
C ASP A 120 -11.54 27.24 -9.59
N LEU A 121 -10.35 26.85 -9.18
CA LEU A 121 -10.15 25.51 -8.64
C LEU A 121 -11.06 25.25 -7.46
N ARG A 122 -11.16 26.23 -6.57
CA ARG A 122 -12.01 26.09 -5.39
C ARG A 122 -13.48 26.00 -5.80
N LEU A 123 -13.91 26.85 -6.73
CA LEU A 123 -15.27 26.86 -7.21
C LEU A 123 -15.59 25.51 -7.85
N TRP A 124 -14.66 25.04 -8.67
CA TRP A 124 -14.85 23.76 -9.33
C TRP A 124 -14.96 22.67 -8.28
N MET A 125 -14.05 22.67 -7.32
CA MET A 125 -14.07 21.64 -6.29
C MET A 125 -15.32 21.71 -5.43
N ARG A 126 -15.80 22.91 -5.13
CA ARG A 126 -16.99 23.04 -4.31
C ARG A 126 -18.19 22.35 -4.98
N GLN A 127 -18.21 22.34 -6.31
CA GLN A 127 -19.31 21.68 -7.02
C GLN A 127 -19.15 20.19 -6.92
N THR A 128 -18.02 19.71 -7.42
CA THR A 128 -17.68 18.29 -7.44
C THR A 128 -17.82 17.61 -6.09
N CYS A 129 -17.33 18.25 -5.03
CA CYS A 129 -17.42 17.65 -3.71
C CYS A 129 -18.85 17.50 -3.23
N SER A 130 -19.72 18.36 -3.73
CA SER A 130 -21.13 18.30 -3.37
C SER A 130 -21.71 17.06 -4.03
N THR A 131 -21.25 16.81 -5.26
CA THR A 131 -21.71 15.65 -6.02
C THR A 131 -21.18 14.38 -5.36
N LEU A 132 -19.92 14.40 -4.90
CA LEU A 132 -19.34 13.24 -4.25
C LEU A 132 -20.07 12.92 -2.95
N SER A 133 -20.35 13.93 -2.13
CA SER A 133 -21.06 13.72 -0.89
C SER A 133 -22.37 13.01 -1.20
N GLY A 134 -22.97 13.41 -2.32
CA GLY A 134 -24.24 12.81 -2.74
C GLY A 134 -24.09 11.35 -3.04
N LEU A 135 -23.15 11.02 -3.92
CA LEU A 135 -22.88 9.63 -4.30
C LEU A 135 -22.56 8.77 -3.08
N LEU A 136 -21.68 9.28 -2.23
CA LEU A 136 -21.25 8.59 -1.03
C LEU A 136 -22.44 8.30 -0.10
N TRP A 137 -23.28 9.30 0.12
CA TRP A 137 -24.45 9.10 0.97
C TRP A 137 -25.36 8.01 0.41
N GLU A 138 -25.50 7.99 -0.92
CA GLU A 138 -26.34 6.98 -1.56
C GLU A 138 -25.81 5.56 -1.34
N LEU A 139 -24.49 5.41 -1.41
CA LEU A 139 -23.85 4.11 -1.22
C LEU A 139 -24.05 3.66 0.22
N ILE A 140 -23.90 4.58 1.16
CA ILE A 140 -24.10 4.26 2.57
C ILE A 140 -25.56 3.87 2.80
N ARG A 141 -26.44 4.66 2.19
CA ARG A 141 -27.87 4.45 2.29
C ARG A 141 -28.22 3.07 1.75
N THR A 142 -27.71 2.77 0.55
CA THR A 142 -27.94 1.48 -0.09
C THR A 142 -27.53 0.32 0.83
N MET A 143 -26.39 0.47 1.51
CA MET A 143 -25.90 -0.55 2.41
C MET A 143 -26.79 -0.75 3.67
N VAL A 144 -27.16 0.36 4.31
CA VAL A 144 -28.00 0.27 5.50
C VAL A 144 -29.31 -0.39 5.14
N ASP A 145 -29.90 0.03 4.04
CA ASP A 145 -31.16 -0.56 3.60
C ASP A 145 -31.00 -2.07 3.47
N ARG A 146 -29.98 -2.51 2.75
CA ARG A 146 -29.76 -3.94 2.61
C ARG A 146 -29.62 -4.62 3.98
N ALA A 147 -28.87 -3.99 4.88
CA ALA A 147 -28.69 -4.59 6.20
C ALA A 147 -30.06 -4.83 6.85
N GLU A 148 -30.89 -3.80 6.87
CA GLU A 148 -32.22 -3.90 7.46
C GLU A 148 -32.98 -5.10 6.90
N ALA A 149 -32.96 -5.24 5.59
CA ALA A 149 -33.66 -6.32 4.92
C ALA A 149 -33.14 -7.73 5.14
N GLU A 150 -31.84 -7.89 5.37
CA GLU A 150 -31.29 -9.22 5.53
C GLU A 150 -30.76 -9.55 6.94
N ARG A 151 -31.22 -8.84 7.95
CA ARG A 151 -30.74 -9.07 9.31
C ARG A 151 -30.99 -10.43 9.95
N ASP A 152 -31.55 -11.37 9.20
CA ASP A 152 -31.80 -12.70 9.74
C ASP A 152 -30.64 -13.60 9.38
N VAL A 153 -29.97 -13.27 8.27
CA VAL A 153 -28.86 -14.07 7.78
C VAL A 153 -27.68 -14.15 8.73
N LEU A 154 -27.11 -15.36 8.83
CA LEU A 154 -25.97 -15.60 9.70
C LEU A 154 -24.84 -16.29 8.94
N PHE A 155 -23.62 -15.81 9.14
CA PHE A 155 -22.46 -16.45 8.52
C PHE A 155 -21.26 -16.29 9.47
N PRO A 156 -20.10 -16.82 9.09
CA PRO A 156 -18.95 -16.69 10.00
C PRO A 156 -18.21 -15.36 10.03
N GLY A 157 -17.65 -15.07 11.20
CA GLY A 157 -16.85 -13.87 11.39
C GLY A 157 -15.41 -14.36 11.40
N TYR A 158 -14.48 -13.56 10.90
CA TYR A 158 -13.09 -13.99 10.86
C TYR A 158 -12.05 -13.12 11.54
N THR A 159 -11.00 -13.79 12.02
CA THR A 159 -9.83 -13.15 12.62
C THR A 159 -8.68 -13.95 12.03
N HIS A 160 -7.70 -13.25 11.45
CA HIS A 160 -6.58 -13.92 10.82
C HIS A 160 -7.12 -14.84 9.74
N LEU A 161 -8.25 -14.46 9.14
CA LEU A 161 -8.91 -15.23 8.08
C LEU A 161 -9.13 -16.66 8.52
N GLN A 162 -9.41 -16.82 9.81
CA GLN A 162 -9.63 -18.12 10.40
C GLN A 162 -11.00 -18.06 11.05
N ARG A 163 -11.92 -18.93 10.64
CA ARG A 163 -13.28 -18.95 11.21
C ARG A 163 -13.30 -18.76 12.73
N ALA A 164 -13.97 -17.71 13.18
CA ALA A 164 -14.05 -17.42 14.61
C ALA A 164 -15.37 -17.82 15.26
N GLN A 165 -16.43 -17.10 14.93
CA GLN A 165 -17.74 -17.38 15.50
C GLN A 165 -18.83 -16.92 14.55
N PRO A 166 -20.07 -17.34 14.81
CA PRO A 166 -21.15 -16.91 13.92
C PRO A 166 -21.50 -15.44 14.21
N ILE A 167 -21.93 -14.72 13.16
CA ILE A 167 -22.34 -13.33 13.30
C ILE A 167 -23.40 -13.08 12.24
N ARG A 168 -24.04 -11.91 12.29
CA ARG A 168 -25.05 -11.59 11.30
C ARG A 168 -24.39 -10.96 10.07
N TRP A 169 -24.88 -11.35 8.90
CA TRP A 169 -24.38 -10.82 7.64
C TRP A 169 -24.64 -9.30 7.62
N SER A 170 -25.69 -8.86 8.30
CA SER A 170 -26.01 -7.45 8.39
C SER A 170 -24.98 -6.71 9.25
N HIS A 171 -24.46 -7.41 10.26
CA HIS A 171 -23.45 -6.83 11.13
C HIS A 171 -22.20 -6.55 10.27
N TRP A 172 -21.94 -7.42 9.30
CA TRP A 172 -20.79 -7.26 8.40
C TRP A 172 -20.96 -6.02 7.53
N ILE A 173 -22.13 -5.89 6.91
CA ILE A 173 -22.42 -4.75 6.05
C ILE A 173 -22.29 -3.46 6.85
N LEU A 174 -22.85 -3.46 8.06
CA LEU A 174 -22.79 -2.29 8.94
C LEU A 174 -21.39 -1.86 9.35
N SER A 175 -20.47 -2.81 9.48
CA SER A 175 -19.10 -2.49 9.86
C SER A 175 -18.49 -1.57 8.82
N HIS A 176 -18.73 -1.88 7.55
CA HIS A 176 -18.23 -1.09 6.44
C HIS A 176 -19.02 0.23 6.31
N ALA A 177 -20.33 0.14 6.45
CA ALA A 177 -21.18 1.32 6.34
C ALA A 177 -20.72 2.40 7.29
N VAL A 178 -20.40 1.99 8.52
CA VAL A 178 -19.96 2.93 9.55
C VAL A 178 -18.63 3.60 9.23
N ALA A 179 -17.74 2.86 8.58
CA ALA A 179 -16.42 3.40 8.22
C ALA A 179 -16.62 4.48 7.16
N LEU A 180 -17.47 4.20 6.18
CA LEU A 180 -17.79 5.13 5.11
C LEU A 180 -18.46 6.37 5.68
N THR A 181 -19.21 6.18 6.77
CA THR A 181 -19.90 7.30 7.42
C THR A 181 -18.88 8.31 7.93
N ARG A 182 -17.72 7.82 8.39
CA ARG A 182 -16.67 8.71 8.85
C ARG A 182 -16.08 9.43 7.64
N ASP A 183 -15.95 8.71 6.53
CA ASP A 183 -15.43 9.29 5.31
C ASP A 183 -16.32 10.44 4.90
N SER A 184 -17.63 10.24 5.06
CA SER A 184 -18.61 11.26 4.72
C SER A 184 -18.42 12.50 5.57
N GLU A 185 -18.18 12.30 6.85
CA GLU A 185 -17.96 13.38 7.78
C GLU A 185 -16.69 14.15 7.45
N ARG A 186 -15.63 13.43 7.11
CA ARG A 186 -14.38 14.10 6.75
C ARG A 186 -14.58 14.93 5.48
N LEU A 187 -15.34 14.41 4.52
CA LEU A 187 -15.57 15.16 3.29
C LEU A 187 -16.23 16.50 3.59
N LEU A 188 -17.21 16.49 4.48
CA LEU A 188 -17.91 17.72 4.87
C LEU A 188 -17.00 18.76 5.51
N GLU A 189 -16.00 18.31 6.26
CA GLU A 189 -15.09 19.24 6.90
C GLU A 189 -14.16 19.84 5.83
N VAL A 190 -13.78 19.02 4.87
CA VAL A 190 -12.92 19.46 3.79
C VAL A 190 -13.67 20.46 2.93
N ARG A 191 -14.95 20.18 2.69
CA ARG A 191 -15.79 21.06 1.89
C ARG A 191 -15.95 22.43 2.51
N LYS A 192 -15.89 22.51 3.83
CA LYS A 192 -16.01 23.77 4.54
C LYS A 192 -14.77 24.64 4.26
N ARG A 193 -13.60 24.01 4.28
CA ARG A 193 -12.37 24.74 4.02
C ARG A 193 -12.16 25.06 2.54
N ILE A 194 -12.83 24.32 1.66
CA ILE A 194 -12.71 24.58 0.24
C ILE A 194 -13.50 25.85 -0.04
N ASN A 195 -14.60 26.02 0.68
CA ASN A 195 -15.51 27.14 0.53
C ASN A 195 -15.01 28.47 1.10
N VAL A 196 -13.83 28.89 0.68
CA VAL A 196 -13.27 30.15 1.14
C VAL A 196 -12.76 30.89 -0.07
N LEU A 197 -13.13 32.17 -0.19
CA LEU A 197 -12.74 32.98 -1.33
C LEU A 197 -11.33 33.58 -1.30
N PRO A 198 -10.51 33.24 -2.32
CA PRO A 198 -9.13 33.72 -2.45
C PRO A 198 -9.06 35.00 -3.31
N LEU A 199 -10.10 35.23 -4.11
CA LEU A 199 -10.16 36.37 -5.00
C LEU A 199 -10.01 37.71 -4.29
N GLY A 200 -9.26 38.62 -4.91
CA GLY A 200 -9.02 39.92 -4.31
C GLY A 200 -7.80 39.81 -3.43
N SER A 201 -6.92 38.91 -3.81
CA SER A 201 -5.70 38.64 -3.09
C SER A 201 -4.51 39.02 -3.98
N GLY A 202 -4.81 39.38 -5.22
CA GLY A 202 -3.78 39.77 -6.17
C GLY A 202 -2.69 38.75 -6.49
N ALA A 203 -1.50 39.25 -6.84
CA ALA A 203 -0.38 38.39 -7.18
C ALA A 203 0.34 37.90 -5.94
N ILE A 204 0.28 38.67 -4.87
CA ILE A 204 0.98 38.32 -3.65
C ILE A 204 0.65 39.18 -2.42
N ALA A 205 0.56 40.50 -2.62
CA ALA A 205 0.29 41.43 -1.54
C ALA A 205 -1.17 41.84 -1.37
N GLY A 206 -2.05 41.37 -2.25
CA GLY A 206 -3.44 41.72 -2.14
C GLY A 206 -3.91 42.54 -3.32
N ASN A 207 -5.14 43.04 -3.24
CA ASN A 207 -5.71 43.87 -4.30
C ASN A 207 -5.30 45.32 -4.04
N PRO A 208 -4.65 45.96 -5.02
CA PRO A 208 -4.20 47.35 -4.90
C PRO A 208 -5.24 48.44 -5.19
N LEU A 209 -6.30 48.10 -5.91
CA LEU A 209 -7.31 49.09 -6.27
C LEU A 209 -8.53 49.15 -5.37
N GLY A 210 -8.41 48.64 -4.16
CA GLY A 210 -9.50 48.68 -3.20
C GLY A 210 -10.84 48.05 -3.52
N VAL A 211 -10.84 46.93 -4.22
CA VAL A 211 -12.08 46.24 -4.55
C VAL A 211 -12.68 45.62 -3.27
N ASP A 212 -14.01 45.62 -3.16
CA ASP A 212 -14.67 45.05 -1.98
C ASP A 212 -14.76 43.52 -2.05
N ARG A 213 -14.04 42.85 -1.15
CA ARG A 213 -14.00 41.40 -1.13
C ARG A 213 -15.23 40.73 -0.54
N GLU A 214 -15.96 41.44 0.31
CA GLU A 214 -17.16 40.87 0.88
C GLU A 214 -18.21 40.79 -0.22
N LEU A 215 -18.13 41.72 -1.18
CA LEU A 215 -19.06 41.76 -2.31
C LEU A 215 -18.78 40.53 -3.18
N LEU A 216 -17.51 40.33 -3.52
CA LEU A 216 -17.09 39.19 -4.33
C LEU A 216 -17.55 37.90 -3.64
N ARG A 217 -17.31 37.83 -2.34
CA ARG A 217 -17.70 36.66 -1.57
C ARG A 217 -19.20 36.41 -1.67
N ALA A 218 -19.98 37.46 -1.53
CA ALA A 218 -21.44 37.37 -1.59
C ALA A 218 -21.90 36.91 -2.98
N GLU A 219 -21.32 37.51 -4.02
CA GLU A 219 -21.65 37.17 -5.39
C GLU A 219 -21.35 35.71 -5.73
N LEU A 220 -20.20 35.23 -5.27
CA LEU A 220 -19.77 33.87 -5.53
C LEU A 220 -20.20 32.86 -4.47
N ASN A 221 -21.00 33.30 -3.51
CA ASN A 221 -21.52 32.44 -2.44
C ASN A 221 -20.48 31.69 -1.62
N PHE A 222 -19.44 32.39 -1.17
CA PHE A 222 -18.41 31.72 -0.36
C PHE A 222 -18.70 31.87 1.13
N GLY A 223 -18.32 30.85 1.89
CA GLY A 223 -18.54 30.90 3.31
C GLY A 223 -17.77 32.00 4.00
N ALA A 224 -16.64 32.37 3.42
CA ALA A 224 -15.80 33.41 3.99
C ALA A 224 -14.74 33.84 2.98
N ILE A 225 -13.93 34.80 3.39
CA ILE A 225 -12.85 35.27 2.55
C ILE A 225 -11.53 34.85 3.19
N THR A 226 -10.45 34.90 2.41
CA THR A 226 -9.14 34.54 2.92
C THR A 226 -8.58 35.60 3.84
N LEU A 227 -7.84 35.18 4.86
CA LEU A 227 -7.25 36.10 5.82
C LEU A 227 -5.95 36.76 5.35
N ASN A 228 -5.13 36.03 4.62
CA ASN A 228 -3.85 36.54 4.17
C ASN A 228 -3.54 36.27 2.68
N SER A 229 -3.25 37.34 1.95
CA SER A 229 -2.97 37.25 0.53
C SER A 229 -1.81 36.31 0.15
N MET A 230 -0.73 36.32 0.94
CA MET A 230 0.39 35.44 0.63
C MET A 230 -0.01 33.96 0.77
N ASP A 231 -0.82 33.65 1.77
CA ASP A 231 -1.28 32.30 1.98
C ASP A 231 -2.30 31.90 0.92
N ALA A 232 -3.26 32.78 0.66
CA ALA A 232 -4.31 32.49 -0.32
C ALA A 232 -3.84 32.08 -1.71
N THR A 233 -2.72 32.63 -2.17
CA THR A 233 -2.24 32.31 -3.51
C THR A 233 -1.13 31.26 -3.56
N SER A 234 -0.76 30.69 -2.42
CA SER A 234 0.31 29.69 -2.42
C SER A 234 -0.03 28.40 -1.71
N GLU A 235 -0.96 28.45 -0.77
CA GLU A 235 -1.30 27.23 -0.05
C GLU A 235 -2.20 26.34 -0.88
N ARG A 236 -2.03 25.03 -0.73
CA ARG A 236 -2.86 24.09 -1.45
C ARG A 236 -3.34 23.02 -0.47
N ASP A 237 -3.61 23.44 0.77
CA ASP A 237 -4.10 22.53 1.80
C ASP A 237 -5.39 21.84 1.39
N PHE A 238 -6.31 22.62 0.82
CA PHE A 238 -7.60 22.09 0.40
C PHE A 238 -7.47 21.01 -0.65
N VAL A 239 -6.37 21.01 -1.38
CA VAL A 239 -6.13 20.00 -2.40
C VAL A 239 -5.58 18.75 -1.70
N ALA A 240 -4.61 18.97 -0.80
CA ALA A 240 -4.00 17.87 -0.06
C ALA A 240 -5.04 17.12 0.76
N GLU A 241 -5.81 17.86 1.57
CA GLU A 241 -6.86 17.29 2.40
C GLU A 241 -7.78 16.42 1.57
N PHE A 242 -8.26 16.99 0.47
CA PHE A 242 -9.16 16.28 -0.42
C PHE A 242 -8.54 14.98 -0.92
N LEU A 243 -7.28 15.03 -1.36
CA LEU A 243 -6.62 13.84 -1.86
C LEU A 243 -6.43 12.81 -0.75
N PHE A 244 -6.22 13.26 0.48
CA PHE A 244 -6.07 12.31 1.56
C PHE A 244 -7.43 11.71 1.88
N TRP A 245 -8.46 12.54 1.91
CA TRP A 245 -9.81 12.06 2.16
C TRP A 245 -10.13 10.89 1.23
N ARG A 246 -9.85 11.08 -0.06
CA ARG A 246 -10.09 10.06 -1.07
C ARG A 246 -9.26 8.81 -0.80
N SER A 247 -8.02 9.03 -0.37
CA SER A 247 -7.14 7.91 -0.10
C SER A 247 -7.65 7.02 1.02
N LEU A 248 -8.07 7.63 2.13
CA LEU A 248 -8.56 6.87 3.28
C LEU A 248 -9.88 6.20 2.93
N CYS A 249 -10.67 6.85 2.09
CA CYS A 249 -11.95 6.29 1.65
C CYS A 249 -11.68 5.08 0.76
N MET A 250 -10.67 5.18 -0.12
CA MET A 250 -10.31 4.07 -0.99
C MET A 250 -9.86 2.89 -0.15
N THR A 251 -9.16 3.19 0.95
CA THR A 251 -8.67 2.16 1.87
C THR A 251 -9.87 1.33 2.32
N HIS A 252 -10.93 2.02 2.71
CA HIS A 252 -12.16 1.35 3.15
C HIS A 252 -12.78 0.51 2.03
N LEU A 253 -12.85 1.05 0.82
CA LEU A 253 -13.42 0.29 -0.29
C LEU A 253 -12.55 -0.92 -0.67
N SER A 254 -11.23 -0.81 -0.49
CA SER A 254 -10.34 -1.91 -0.83
C SER A 254 -10.54 -3.08 0.14
N ARG A 255 -10.86 -2.79 1.40
CA ARG A 255 -11.09 -3.87 2.36
C ARG A 255 -12.39 -4.56 1.98
N MET A 256 -13.42 -3.75 1.75
CA MET A 256 -14.72 -4.28 1.38
C MET A 256 -14.60 -5.14 0.13
N ALA A 257 -13.82 -4.65 -0.84
CA ALA A 257 -13.61 -5.36 -2.11
C ALA A 257 -12.86 -6.68 -1.87
N GLU A 258 -11.86 -6.63 -1.01
CA GLU A 258 -11.08 -7.79 -0.66
C GLU A 258 -12.03 -8.84 -0.07
N ASP A 259 -12.86 -8.40 0.89
CA ASP A 259 -13.83 -9.30 1.54
C ASP A 259 -14.75 -9.97 0.55
N LEU A 260 -15.34 -9.19 -0.35
CA LEU A 260 -16.27 -9.72 -1.33
C LEU A 260 -15.61 -10.63 -2.36
N ILE A 261 -14.40 -10.30 -2.78
CA ILE A 261 -13.68 -11.13 -3.74
C ILE A 261 -13.46 -12.49 -3.06
N LEU A 262 -13.07 -12.46 -1.80
CA LEU A 262 -12.85 -13.68 -1.02
C LEU A 262 -14.16 -14.49 -0.98
N TYR A 263 -15.26 -13.84 -0.61
CA TYR A 263 -16.55 -14.51 -0.52
C TYR A 263 -17.08 -15.03 -1.85
N CYS A 264 -16.54 -14.56 -2.96
CA CYS A 264 -16.98 -14.98 -4.29
C CYS A 264 -16.26 -16.23 -4.76
N THR A 265 -15.18 -16.57 -4.07
CA THR A 265 -14.40 -17.74 -4.46
C THR A 265 -15.21 -19.01 -4.31
N LYS A 266 -14.85 -20.03 -5.07
CA LYS A 266 -15.54 -21.31 -5.01
C LYS A 266 -15.42 -21.80 -3.56
N GLU A 267 -14.23 -21.63 -2.99
CA GLU A 267 -13.94 -22.04 -1.62
C GLU A 267 -14.90 -21.48 -0.58
N PHE A 268 -15.14 -20.17 -0.57
CA PHE A 268 -16.08 -19.58 0.39
C PHE A 268 -17.51 -19.66 -0.15
N SER A 269 -17.66 -19.31 -1.41
CA SER A 269 -18.95 -19.33 -2.08
C SER A 269 -20.09 -18.74 -1.25
N PHE A 270 -19.90 -17.53 -0.71
CA PHE A 270 -20.92 -16.86 0.10
C PHE A 270 -21.78 -15.88 -0.70
N VAL A 271 -21.19 -15.26 -1.71
CA VAL A 271 -21.93 -14.32 -2.53
C VAL A 271 -21.64 -14.53 -4.02
N GLN A 272 -22.43 -13.88 -4.85
CA GLN A 272 -22.30 -13.98 -6.30
C GLN A 272 -22.62 -12.59 -6.85
N LEU A 273 -21.77 -12.04 -7.70
CA LEU A 273 -22.04 -10.72 -8.27
C LEU A 273 -22.93 -10.91 -9.49
N SER A 274 -23.71 -9.88 -9.83
CA SER A 274 -24.57 -9.98 -11.00
C SER A 274 -23.66 -9.89 -12.23
N ASP A 275 -24.20 -10.24 -13.40
CA ASP A 275 -23.44 -10.22 -14.63
C ASP A 275 -22.93 -8.84 -15.04
N ALA A 276 -23.44 -7.80 -14.39
CA ALA A 276 -23.03 -6.44 -14.71
C ALA A 276 -21.67 -6.08 -14.13
N TYR A 277 -21.34 -6.67 -12.97
CA TYR A 277 -20.08 -6.37 -12.32
C TYR A 277 -19.14 -7.57 -12.23
N SER A 278 -19.34 -8.51 -13.15
CA SER A 278 -18.50 -9.70 -13.18
C SER A 278 -18.34 -10.18 -14.62
N THR A 279 -17.25 -10.91 -14.86
CA THR A 279 -16.96 -11.46 -16.17
C THR A 279 -16.91 -12.98 -16.09
N GLY A 280 -17.52 -13.63 -17.08
CA GLY A 280 -17.55 -15.08 -17.08
C GLY A 280 -16.56 -15.74 -18.02
N SER A 281 -16.63 -17.06 -18.04
CA SER A 281 -15.77 -17.88 -18.89
C SER A 281 -16.66 -18.63 -19.87
N SER A 282 -16.18 -18.73 -21.10
CA SER A 282 -16.93 -19.41 -22.15
C SER A 282 -17.09 -20.92 -21.90
N LEU A 283 -15.99 -21.59 -21.58
CA LEU A 283 -16.01 -23.02 -21.35
C LEU A 283 -16.27 -23.39 -19.90
N MET A 284 -16.36 -22.38 -19.04
CA MET A 284 -16.63 -22.60 -17.62
C MET A 284 -17.72 -21.66 -17.13
N PRO A 285 -18.99 -22.06 -17.30
CA PRO A 285 -20.11 -21.22 -16.87
C PRO A 285 -20.24 -21.03 -15.36
N ARG A 286 -19.33 -21.62 -14.59
CA ARG A 286 -19.37 -21.49 -13.15
C ARG A 286 -18.22 -20.65 -12.60
N LYS A 287 -17.44 -20.06 -13.49
CA LYS A 287 -16.30 -19.23 -13.10
C LYS A 287 -16.59 -17.76 -13.45
N LYS A 288 -17.04 -16.99 -12.47
CA LYS A 288 -17.32 -15.58 -12.71
C LYS A 288 -16.31 -14.68 -12.02
N ASN A 289 -15.61 -13.87 -12.79
CA ASN A 289 -14.60 -12.98 -12.25
C ASN A 289 -15.12 -11.66 -11.71
N PRO A 290 -14.70 -11.30 -10.50
CA PRO A 290 -15.09 -10.07 -9.79
C PRO A 290 -14.42 -8.83 -10.37
N ASP A 291 -14.42 -8.67 -11.69
CA ASP A 291 -13.80 -7.52 -12.34
C ASP A 291 -14.00 -6.21 -11.59
N SER A 292 -15.25 -5.87 -11.35
CA SER A 292 -15.60 -4.65 -10.65
C SER A 292 -14.84 -4.51 -9.33
N LEU A 293 -14.87 -5.57 -8.52
CA LEU A 293 -14.21 -5.55 -7.23
C LEU A 293 -12.71 -5.33 -7.34
N GLU A 294 -12.10 -5.96 -8.34
CA GLU A 294 -10.66 -5.82 -8.51
C GLU A 294 -10.27 -4.42 -8.97
N LEU A 295 -11.13 -3.79 -9.76
CA LEU A 295 -10.85 -2.43 -10.23
C LEU A 295 -10.89 -1.47 -9.05
N ILE A 296 -11.90 -1.61 -8.20
CA ILE A 296 -12.04 -0.78 -7.02
C ILE A 296 -10.80 -0.86 -6.13
N ARG A 297 -10.33 -2.08 -5.87
CA ARG A 297 -9.15 -2.27 -5.03
C ARG A 297 -7.88 -1.69 -5.66
N SER A 298 -7.79 -1.70 -6.99
CA SER A 298 -6.59 -1.18 -7.68
C SER A 298 -6.47 0.34 -7.65
N LYS A 299 -7.59 1.02 -7.42
CA LYS A 299 -7.60 2.47 -7.40
C LYS A 299 -7.08 3.07 -6.09
N ALA A 300 -7.00 2.24 -5.06
CA ALA A 300 -6.51 2.70 -3.77
C ALA A 300 -5.12 3.29 -3.98
N GLY A 301 -4.28 2.55 -4.70
CA GLY A 301 -2.92 2.98 -4.95
C GLY A 301 -2.86 4.21 -5.84
N ARG A 302 -3.67 4.22 -6.89
CA ARG A 302 -3.69 5.35 -7.82
C ARG A 302 -4.01 6.65 -7.08
N VAL A 303 -5.06 6.62 -6.26
CA VAL A 303 -5.46 7.81 -5.52
C VAL A 303 -4.36 8.24 -4.57
N PHE A 304 -3.82 7.28 -3.83
CA PHE A 304 -2.78 7.56 -2.85
C PHE A 304 -1.52 8.13 -3.51
N GLY A 305 -1.19 7.62 -4.69
CA GLY A 305 -0.02 8.11 -5.41
C GLY A 305 -0.10 9.61 -5.65
N ARG A 306 -1.26 10.11 -6.05
CA ARG A 306 -1.42 11.53 -6.31
C ARG A 306 -1.24 12.26 -5.00
N CYS A 307 -1.91 11.78 -3.97
CA CYS A 307 -1.80 12.40 -2.66
C CYS A 307 -0.32 12.48 -2.28
N ALA A 308 0.38 11.36 -2.39
CA ALA A 308 1.79 11.31 -2.05
C ALA A 308 2.57 12.29 -2.91
N GLY A 309 2.36 12.20 -4.21
CA GLY A 309 3.06 13.07 -5.14
C GLY A 309 2.85 14.54 -4.87
N LEU A 310 1.65 14.93 -4.45
CA LEU A 310 1.38 16.34 -4.20
C LEU A 310 2.08 16.86 -2.93
N LEU A 311 2.13 16.05 -1.89
CA LEU A 311 2.79 16.49 -0.66
C LEU A 311 4.28 16.69 -0.92
N MET A 312 4.86 15.82 -1.72
CA MET A 312 6.28 15.93 -2.04
C MET A 312 6.52 17.20 -2.86
N THR A 313 5.52 17.63 -3.60
CA THR A 313 5.66 18.83 -4.40
C THR A 313 5.61 20.10 -3.55
N LEU A 314 4.73 20.10 -2.56
CA LEU A 314 4.59 21.24 -1.68
C LEU A 314 5.76 21.37 -0.72
N LYS A 315 6.36 20.25 -0.34
CA LYS A 315 7.46 20.24 0.59
C LYS A 315 8.67 21.08 0.20
N GLY A 316 9.07 21.97 1.09
CA GLY A 316 10.23 22.80 0.86
C GLY A 316 10.13 23.99 -0.10
N LEU A 317 8.94 24.33 -0.55
CA LEU A 317 8.84 25.46 -1.46
C LEU A 317 8.94 26.73 -0.65
N PRO A 318 9.65 27.74 -1.17
CA PRO A 318 9.78 29.00 -0.42
C PRO A 318 8.61 29.91 -0.77
N SER A 319 8.43 30.98 0.00
CA SER A 319 7.35 31.93 -0.26
C SER A 319 7.73 32.81 -1.46
N THR A 320 6.75 33.10 -2.31
CA THR A 320 5.35 32.78 -2.05
C THR A 320 4.85 31.86 -3.15
N TYR A 321 4.46 32.44 -4.28
CA TYR A 321 3.97 31.67 -5.41
C TYR A 321 5.12 31.14 -6.27
N ASN A 322 5.01 29.88 -6.68
CA ASN A 322 6.00 29.23 -7.54
C ASN A 322 5.22 28.40 -8.55
N LYS A 323 5.85 28.18 -9.71
CA LYS A 323 5.23 27.41 -10.77
C LYS A 323 4.88 25.98 -10.34
N ASP A 324 5.59 25.45 -9.35
CA ASP A 324 5.35 24.10 -8.87
C ASP A 324 3.88 23.85 -8.54
N LEU A 325 3.18 24.89 -8.12
CA LEU A 325 1.77 24.77 -7.76
C LEU A 325 0.86 24.40 -8.91
N GLN A 326 1.33 24.59 -10.13
CA GLN A 326 0.54 24.27 -11.31
C GLN A 326 0.17 22.78 -11.33
N GLU A 327 0.80 21.99 -10.47
CA GLU A 327 0.56 20.53 -10.39
C GLU A 327 -0.71 20.09 -9.63
N ASP A 328 -1.49 21.04 -9.12
CA ASP A 328 -2.70 20.70 -8.38
C ASP A 328 -3.88 20.20 -9.24
N LYS A 329 -4.21 20.96 -10.27
CA LYS A 329 -5.35 20.64 -11.13
C LYS A 329 -5.49 19.20 -11.62
N GLU A 330 -4.48 18.67 -12.29
CA GLU A 330 -4.58 17.31 -12.80
C GLU A 330 -4.86 16.29 -11.71
N ALA A 331 -4.25 16.46 -10.55
CA ALA A 331 -4.44 15.54 -9.44
C ALA A 331 -5.89 15.58 -9.00
N VAL A 332 -6.44 16.78 -8.89
CA VAL A 332 -7.82 16.95 -8.47
C VAL A 332 -8.78 16.31 -9.48
N PHE A 333 -8.57 16.61 -10.76
CA PHE A 333 -9.41 16.07 -11.82
C PHE A 333 -9.37 14.55 -11.84
N GLU A 334 -8.16 13.98 -11.89
CA GLU A 334 -8.00 12.53 -11.91
C GLU A 334 -8.63 11.86 -10.68
N VAL A 335 -8.32 12.35 -9.49
CA VAL A 335 -8.88 11.75 -8.28
C VAL A 335 -10.39 11.92 -8.18
N SER A 336 -10.92 13.04 -8.64
CA SER A 336 -12.37 13.25 -8.58
C SER A 336 -13.08 12.26 -9.49
N ASP A 337 -12.61 12.11 -10.72
CA ASP A 337 -13.21 11.17 -11.67
C ASP A 337 -13.19 9.76 -11.11
N THR A 338 -12.04 9.37 -10.55
CA THR A 338 -11.90 8.04 -9.99
C THR A 338 -12.92 7.79 -8.88
N MET A 339 -13.03 8.70 -7.93
CA MET A 339 -13.98 8.51 -6.85
C MET A 339 -15.41 8.39 -7.37
N SER A 340 -15.81 9.27 -8.27
CA SER A 340 -17.14 9.25 -8.83
C SER A 340 -17.53 7.86 -9.37
N ALA A 341 -16.67 7.29 -10.20
CA ALA A 341 -16.92 5.99 -10.78
C ALA A 341 -16.89 4.87 -9.72
N VAL A 342 -15.86 4.89 -8.87
CA VAL A 342 -15.73 3.87 -7.83
C VAL A 342 -16.91 3.85 -6.86
N LEU A 343 -17.45 5.01 -6.52
CA LEU A 343 -18.58 5.01 -5.60
C LEU A 343 -19.82 4.41 -6.27
N GLN A 344 -20.07 4.81 -7.51
CA GLN A 344 -21.21 4.29 -8.22
C GLN A 344 -21.12 2.80 -8.44
N VAL A 345 -19.94 2.34 -8.85
CA VAL A 345 -19.75 0.92 -9.09
C VAL A 345 -20.01 0.15 -7.82
N ALA A 346 -19.44 0.62 -6.72
CA ALA A 346 -19.60 -0.03 -5.44
C ALA A 346 -21.07 -0.09 -5.09
N THR A 347 -21.77 1.02 -5.31
CA THR A 347 -23.21 1.09 -5.03
C THR A 347 -23.92 0.03 -5.87
N GLY A 348 -23.50 -0.08 -7.12
CA GLY A 348 -24.11 -1.05 -8.01
C GLY A 348 -23.90 -2.50 -7.57
N VAL A 349 -22.70 -2.85 -7.14
CA VAL A 349 -22.47 -4.22 -6.74
C VAL A 349 -23.21 -4.56 -5.47
N ILE A 350 -23.25 -3.61 -4.54
CA ILE A 350 -23.93 -3.84 -3.27
C ILE A 350 -25.43 -4.04 -3.42
N SER A 351 -26.06 -3.27 -4.29
CA SER A 351 -27.51 -3.40 -4.47
C SER A 351 -27.93 -4.61 -5.29
N THR A 352 -27.04 -5.15 -6.11
CA THR A 352 -27.40 -6.30 -6.92
C THR A 352 -26.69 -7.63 -6.59
N LEU A 353 -25.69 -7.63 -5.73
CA LEU A 353 -25.03 -8.90 -5.42
C LEU A 353 -26.08 -9.85 -4.82
N GLN A 354 -25.75 -11.13 -4.74
CA GLN A 354 -26.69 -12.12 -4.21
C GLN A 354 -26.01 -13.02 -3.18
N ILE A 355 -26.51 -13.05 -1.96
CA ILE A 355 -25.90 -13.91 -0.96
C ILE A 355 -26.45 -15.34 -1.09
N HIS A 356 -25.66 -16.30 -0.67
CA HIS A 356 -26.07 -17.70 -0.71
C HIS A 356 -26.18 -18.11 0.73
N GLN A 357 -27.38 -17.96 1.29
CA GLN A 357 -27.66 -18.25 2.69
C GLN A 357 -27.29 -19.63 3.20
N GLU A 358 -27.58 -20.67 2.43
CA GLU A 358 -27.27 -22.02 2.84
C GLU A 358 -25.77 -22.24 3.03
N ASN A 359 -24.97 -21.74 2.10
CA ASN A 359 -23.53 -21.90 2.20
C ASN A 359 -22.98 -21.09 3.37
N MET A 360 -23.66 -20.00 3.72
CA MET A 360 -23.22 -19.17 4.83
C MET A 360 -23.46 -19.89 6.15
N GLY A 361 -24.62 -20.52 6.27
CA GLY A 361 -24.92 -21.24 7.50
C GLY A 361 -24.13 -22.53 7.51
N GLN A 362 -23.91 -23.09 6.34
CA GLN A 362 -23.16 -24.32 6.22
C GLN A 362 -21.74 -24.14 6.73
N ALA A 363 -21.25 -22.90 6.75
CA ALA A 363 -19.90 -22.60 7.21
C ALA A 363 -19.81 -22.54 8.72
N LEU A 364 -20.96 -22.50 9.40
CA LEU A 364 -20.98 -22.47 10.85
C LEU A 364 -20.76 -23.87 11.41
N SER A 365 -19.95 -23.94 12.46
CA SER A 365 -19.62 -25.22 13.08
C SER A 365 -19.87 -25.18 14.58
N PRO A 366 -20.08 -26.36 15.19
CA PRO A 366 -20.33 -26.41 16.63
C PRO A 366 -19.09 -26.10 17.48
N ASP A 367 -17.90 -26.31 16.91
CA ASP A 367 -16.67 -26.02 17.65
C ASP A 367 -16.58 -24.53 17.93
N MET A 368 -17.33 -23.74 17.18
CA MET A 368 -17.36 -22.30 17.37
C MET A 368 -18.12 -22.02 18.65
N LEU A 369 -18.88 -23.00 19.11
CA LEU A 369 -19.71 -22.84 20.29
C LEU A 369 -19.02 -23.18 21.62
N ALA A 370 -17.79 -23.68 21.54
CA ALA A 370 -17.04 -24.06 22.74
C ALA A 370 -17.02 -22.91 23.74
N THR A 371 -16.68 -21.73 23.27
CA THR A 371 -16.62 -20.52 24.09
C THR A 371 -17.96 -20.25 24.78
N ASP A 372 -19.05 -20.39 24.02
CA ASP A 372 -20.37 -20.14 24.57
C ASP A 372 -20.64 -20.97 25.82
N LEU A 373 -20.16 -22.22 25.83
CA LEU A 373 -20.33 -23.09 27.00
C LEU A 373 -19.67 -22.42 28.21
N ALA A 374 -18.56 -21.73 27.97
CA ALA A 374 -17.83 -21.05 29.03
C ALA A 374 -18.66 -19.89 29.56
N TYR A 375 -19.12 -19.03 28.65
CA TYR A 375 -19.95 -17.89 29.04
C TYR A 375 -21.18 -18.41 29.77
N TYR A 376 -21.64 -19.58 29.33
CA TYR A 376 -22.80 -20.22 29.95
C TYR A 376 -22.54 -20.48 31.42
N LEU A 377 -21.34 -20.97 31.73
CA LEU A 377 -20.96 -21.25 33.11
C LEU A 377 -20.78 -19.99 33.95
N VAL A 378 -20.02 -19.02 33.42
CA VAL A 378 -19.79 -17.78 34.16
C VAL A 378 -21.12 -17.07 34.40
N ARG A 379 -22.00 -17.19 33.41
CA ARG A 379 -23.31 -16.56 33.45
C ARG A 379 -24.13 -17.05 34.64
N LYS A 380 -23.91 -18.30 35.03
CA LYS A 380 -24.65 -18.88 36.15
C LYS A 380 -23.81 -19.24 37.37
N GLY A 381 -22.63 -18.63 37.51
CA GLY A 381 -21.83 -18.95 38.67
C GLY A 381 -20.32 -18.83 38.65
N MET A 382 -19.63 -19.89 38.21
CA MET A 382 -18.18 -19.92 38.21
C MET A 382 -17.43 -18.86 37.45
N PRO A 383 -16.26 -18.45 37.97
CA PRO A 383 -15.41 -17.43 37.37
C PRO A 383 -15.04 -17.85 35.96
N PHE A 384 -14.67 -16.89 35.13
CA PHE A 384 -14.32 -17.20 33.76
C PHE A 384 -13.24 -18.25 33.65
N ARG A 385 -12.16 -18.09 34.41
CA ARG A 385 -11.05 -19.03 34.38
C ARG A 385 -11.49 -20.48 34.46
N GLN A 386 -12.28 -20.79 35.49
CA GLN A 386 -12.79 -22.15 35.70
C GLN A 386 -13.66 -22.57 34.51
N ALA A 387 -14.54 -21.67 34.09
CA ALA A 387 -15.45 -21.93 32.98
C ALA A 387 -14.70 -22.31 31.71
N HIS A 388 -13.63 -21.57 31.41
CA HIS A 388 -12.82 -21.85 30.23
C HIS A 388 -12.23 -23.25 30.32
N GLU A 389 -11.57 -23.53 31.44
CA GLU A 389 -10.96 -24.82 31.68
C GLU A 389 -12.02 -25.92 31.60
N ALA A 390 -13.23 -25.61 32.04
CA ALA A 390 -14.34 -26.55 32.02
C ALA A 390 -14.77 -26.81 30.57
N SER A 391 -14.59 -25.79 29.72
CA SER A 391 -14.94 -25.91 28.31
C SER A 391 -13.90 -26.75 27.60
N GLY A 392 -12.65 -26.60 28.00
CA GLY A 392 -11.58 -27.36 27.40
C GLY A 392 -11.78 -28.86 27.58
N LYS A 393 -12.36 -29.23 28.72
CA LYS A 393 -12.63 -30.62 29.05
C LYS A 393 -13.75 -31.14 28.15
N ALA A 394 -14.75 -30.31 27.90
CA ALA A 394 -15.87 -30.67 27.05
C ALA A 394 -15.37 -30.84 25.62
N VAL A 395 -14.36 -30.04 25.26
CA VAL A 395 -13.77 -30.08 23.93
C VAL A 395 -13.03 -31.40 23.76
N PHE A 396 -12.06 -31.63 24.65
CA PHE A 396 -11.24 -32.84 24.65
C PHE A 396 -12.10 -34.12 24.69
N MET A 397 -13.12 -34.09 25.53
CA MET A 397 -14.04 -35.21 25.71
C MET A 397 -14.67 -35.65 24.39
N ALA A 398 -15.40 -34.75 23.76
CA ALA A 398 -16.06 -35.04 22.49
C ALA A 398 -15.04 -35.44 21.42
N GLU A 399 -13.79 -35.00 21.60
CA GLU A 399 -12.70 -35.31 20.68
C GLU A 399 -12.37 -36.80 20.74
N THR A 400 -12.03 -37.25 21.95
CA THR A 400 -11.67 -38.64 22.19
C THR A 400 -12.82 -39.61 21.87
N LYS A 401 -14.04 -39.09 21.86
CA LYS A 401 -15.20 -39.92 21.57
C LYS A 401 -15.64 -39.82 20.11
N GLY A 402 -14.95 -38.98 19.35
CA GLY A 402 -15.26 -38.82 17.93
C GLY A 402 -16.62 -38.26 17.61
N VAL A 403 -17.01 -37.19 18.29
CA VAL A 403 -18.31 -36.55 18.05
C VAL A 403 -18.22 -35.06 18.41
N ALA A 404 -18.89 -34.22 17.63
CA ALA A 404 -18.87 -32.78 17.86
C ALA A 404 -19.46 -32.43 19.22
N LEU A 405 -19.09 -31.27 19.75
CA LEU A 405 -19.61 -30.81 21.04
C LEU A 405 -21.12 -30.91 21.07
N ASN A 406 -21.73 -30.66 19.91
CA ASN A 406 -23.17 -30.71 19.77
C ASN A 406 -23.71 -32.08 20.12
N GLN A 407 -22.91 -33.11 19.85
CA GLN A 407 -23.30 -34.50 20.09
C GLN A 407 -22.94 -35.00 21.50
N LEU A 408 -22.62 -34.08 22.41
CA LEU A 408 -22.26 -34.45 23.77
C LEU A 408 -23.52 -34.45 24.64
N SER A 409 -23.79 -35.56 25.31
CA SER A 409 -24.97 -35.70 26.16
C SER A 409 -24.89 -34.92 27.46
N LEU A 410 -26.05 -34.43 27.92
CA LEU A 410 -26.13 -33.67 29.16
C LEU A 410 -25.41 -34.37 30.30
N GLN A 411 -25.63 -35.67 30.43
CA GLN A 411 -24.99 -36.43 31.50
C GLN A 411 -23.48 -36.24 31.45
N GLU A 412 -22.91 -36.46 30.27
CA GLU A 412 -21.47 -36.35 30.06
C GLU A 412 -20.90 -34.99 30.46
N LEU A 413 -21.59 -33.92 30.07
CA LEU A 413 -21.14 -32.58 30.41
C LEU A 413 -21.13 -32.44 31.92
N GLN A 414 -22.14 -33.01 32.57
CA GLN A 414 -22.25 -32.94 34.02
C GLN A 414 -21.05 -33.60 34.68
N THR A 415 -20.31 -34.40 33.91
CA THR A 415 -19.12 -35.07 34.40
C THR A 415 -18.04 -34.02 34.70
N ILE A 416 -18.11 -32.91 33.97
CA ILE A 416 -17.15 -31.82 34.14
C ILE A 416 -17.59 -30.93 35.31
N SER A 417 -18.85 -30.52 35.27
CA SER A 417 -19.43 -29.68 36.30
C SER A 417 -20.92 -29.97 36.46
N PRO A 418 -21.43 -29.82 37.69
CA PRO A 418 -22.84 -30.07 37.99
C PRO A 418 -23.77 -28.99 37.40
N LEU A 419 -23.23 -27.78 37.22
CA LEU A 419 -24.00 -26.65 36.71
C LEU A 419 -24.60 -26.84 35.30
N PHE A 420 -24.06 -27.78 34.54
CA PHE A 420 -24.56 -28.03 33.19
C PHE A 420 -26.00 -28.53 33.26
N SER A 421 -26.92 -27.62 33.54
CA SER A 421 -28.34 -27.95 33.64
C SER A 421 -28.92 -28.28 32.27
N GLY A 422 -30.24 -28.20 32.17
CA GLY A 422 -30.88 -28.49 30.91
C GLY A 422 -30.63 -27.37 29.91
N ASP A 423 -30.41 -26.16 30.42
CA ASP A 423 -30.14 -24.99 29.59
C ASP A 423 -29.21 -25.32 28.43
N VAL A 424 -28.02 -25.81 28.79
CA VAL A 424 -26.96 -26.17 27.85
C VAL A 424 -27.39 -26.45 26.40
N ILE A 425 -28.57 -27.02 26.20
CA ILE A 425 -29.05 -27.32 24.85
C ILE A 425 -29.20 -26.08 23.99
N CYS A 426 -29.60 -24.97 24.59
CA CYS A 426 -29.77 -23.73 23.84
C CYS A 426 -28.43 -23.25 23.25
N VAL A 427 -27.35 -23.52 23.96
CA VAL A 427 -26.01 -23.12 23.51
C VAL A 427 -25.72 -23.65 22.10
N TRP A 428 -26.23 -24.84 21.81
CA TRP A 428 -26.01 -25.48 20.52
C TRP A 428 -26.73 -24.79 19.35
N ASP A 429 -27.40 -23.69 19.62
CA ASP A 429 -28.11 -22.95 18.56
C ASP A 429 -27.38 -21.65 18.22
N TYR A 430 -26.88 -21.56 16.98
CA TYR A 430 -26.15 -20.37 16.53
C TYR A 430 -26.94 -19.10 16.74
N ARG A 431 -28.25 -19.18 16.56
CA ARG A 431 -29.11 -18.03 16.73
C ARG A 431 -29.00 -17.51 18.18
N HIS A 432 -28.73 -18.42 19.12
CA HIS A 432 -28.59 -18.07 20.52
C HIS A 432 -27.21 -17.44 20.75
N SER A 433 -26.20 -17.98 20.07
CA SER A 433 -24.83 -17.50 20.16
C SER A 433 -24.73 -16.01 19.81
N VAL A 434 -25.29 -15.65 18.67
CA VAL A 434 -25.28 -14.26 18.23
C VAL A 434 -26.07 -13.36 19.18
N GLU A 435 -27.23 -13.82 19.64
CA GLU A 435 -28.04 -13.00 20.54
C GLU A 435 -27.39 -12.70 21.87
N GLN A 436 -26.25 -13.32 22.14
CA GLN A 436 -25.54 -13.07 23.39
C GLN A 436 -24.98 -11.65 23.39
N TYR A 437 -24.78 -11.09 22.19
CA TYR A 437 -24.19 -9.76 22.07
C TYR A 437 -25.18 -8.61 21.91
N GLY A 438 -25.89 -8.31 22.99
CA GLY A 438 -26.86 -7.22 22.97
C GLY A 438 -26.27 -5.89 23.38
N ALA A 439 -25.15 -5.91 24.10
CA ALA A 439 -24.52 -4.66 24.50
C ALA A 439 -24.33 -3.86 23.21
N LEU A 440 -24.74 -2.59 23.24
CA LEU A 440 -24.66 -1.73 22.06
C LEU A 440 -23.42 -1.90 21.18
N GLY A 441 -23.64 -2.26 19.92
CA GLY A 441 -22.54 -2.45 19.00
C GLY A 441 -22.26 -3.91 18.66
N GLY A 442 -22.87 -4.80 19.43
CA GLY A 442 -22.67 -6.22 19.18
C GLY A 442 -23.50 -6.71 18.02
N THR A 443 -23.36 -7.97 17.67
CA THR A 443 -24.11 -8.52 16.54
C THR A 443 -25.54 -9.01 16.81
N ALA A 444 -26.03 -8.87 18.04
CA ALA A 444 -27.40 -9.31 18.34
C ALA A 444 -28.36 -8.44 17.54
N ARG A 445 -29.45 -9.04 17.07
CA ARG A 445 -30.41 -8.33 16.26
C ARG A 445 -30.87 -6.97 16.76
N SER A 446 -31.03 -6.83 18.08
CA SER A 446 -31.47 -5.56 18.63
C SER A 446 -30.37 -4.53 18.51
N SER A 447 -29.12 -4.99 18.52
CA SER A 447 -27.97 -4.10 18.40
C SER A 447 -27.90 -3.62 16.96
N VAL A 448 -28.24 -4.50 16.02
CA VAL A 448 -28.24 -4.16 14.61
C VAL A 448 -29.30 -3.10 14.30
N ASP A 449 -30.47 -3.24 14.91
CA ASP A 449 -31.54 -2.28 14.72
C ASP A 449 -31.03 -0.93 15.20
N TRP A 450 -30.39 -0.96 16.34
CA TRP A 450 -29.82 0.24 16.94
C TRP A 450 -28.82 0.87 15.97
N GLN A 451 -27.92 0.06 15.43
CA GLN A 451 -26.91 0.53 14.48
C GLN A 451 -27.55 1.18 13.26
N ILE A 452 -28.52 0.49 12.68
CA ILE A 452 -29.23 0.99 11.51
C ILE A 452 -29.85 2.37 11.81
N ARG A 453 -30.39 2.52 13.02
CA ARG A 453 -31.01 3.78 13.40
C ARG A 453 -29.98 4.87 13.66
N GLN A 454 -28.82 4.48 14.15
CA GLN A 454 -27.75 5.44 14.42
C GLN A 454 -27.14 6.02 13.15
N VAL A 455 -26.75 5.15 12.21
CA VAL A 455 -26.17 5.62 10.98
C VAL A 455 -27.22 6.43 10.21
N ARG A 456 -28.47 5.99 10.30
CA ARG A 456 -29.55 6.66 9.62
C ARG A 456 -29.67 8.09 10.19
N ALA A 457 -29.62 8.21 11.51
CA ALA A 457 -29.72 9.51 12.19
C ALA A 457 -28.49 10.36 11.87
N LEU A 458 -27.34 9.74 12.07
CA LEU A 458 -26.05 10.37 11.83
C LEU A 458 -26.04 10.97 10.42
N LEU A 459 -26.49 10.17 9.47
CA LEU A 459 -26.56 10.54 8.07
C LEU A 459 -27.49 11.71 7.81
N GLN A 460 -28.58 11.78 8.58
CA GLN A 460 -29.56 12.84 8.45
C GLN A 460 -28.95 14.14 8.93
N ALA A 461 -28.15 14.04 9.99
CA ALA A 461 -27.50 15.21 10.54
C ALA A 461 -26.52 15.86 9.55
N GLN A 462 -25.84 15.04 8.76
CA GLN A 462 -24.86 15.51 7.79
C GLN A 462 -25.46 16.20 6.59
N GLN A 463 -26.75 16.01 6.36
CA GLN A 463 -27.39 16.63 5.21
C GLN A 463 -28.14 17.91 5.51
N ALA A 464 -28.42 18.15 6.79
CA ALA A 464 -29.14 19.35 7.20
C ALA A 464 -28.47 20.59 6.61
N GLY B 6 13.73 38.56 21.57
CA GLY B 6 12.27 38.38 21.84
C GLY B 6 11.78 39.40 22.85
N LYS B 7 11.18 38.92 23.94
CA LYS B 7 10.67 39.74 25.06
C LYS B 7 9.53 40.73 24.88
N LEU B 8 9.25 41.19 23.66
CA LEU B 8 8.14 42.11 23.45
C LEU B 8 6.89 41.26 23.21
N TRP B 9 7.12 39.95 23.17
CA TRP B 9 6.07 38.96 22.93
C TRP B 9 6.42 37.68 23.67
N GLY B 10 5.45 36.78 23.81
CA GLY B 10 5.69 35.52 24.49
C GLY B 10 6.50 34.61 23.59
N GLY B 11 6.73 33.38 24.05
CA GLY B 11 7.50 32.45 23.25
C GLY B 11 8.29 31.49 24.10
N ARG B 12 9.37 30.94 23.52
CA ARG B 12 10.21 29.99 24.24
C ARG B 12 11.65 30.51 24.37
N PHE B 13 11.93 31.12 25.52
CA PHE B 13 13.26 31.65 25.79
C PHE B 13 13.92 30.77 26.84
N VAL B 14 14.53 29.69 26.38
CA VAL B 14 15.17 28.73 27.27
C VAL B 14 16.60 29.12 27.67
N GLY B 15 17.23 29.94 26.83
CA GLY B 15 18.59 30.37 27.14
C GLY B 15 19.50 30.30 25.93
N ALA B 16 20.70 29.76 26.12
CA ALA B 16 21.66 29.65 25.03
C ALA B 16 21.91 28.20 24.65
N VAL B 17 21.00 27.30 25.04
CA VAL B 17 21.16 25.88 24.70
C VAL B 17 19.91 25.17 24.20
N ASP B 18 18.91 25.05 25.08
CA ASP B 18 17.65 24.37 24.76
C ASP B 18 17.89 22.85 24.67
N PRO B 19 17.49 22.12 25.72
CA PRO B 19 17.66 20.67 25.76
C PRO B 19 16.87 19.90 24.70
N ILE B 20 15.77 20.48 24.24
CA ILE B 20 14.96 19.84 23.21
C ILE B 20 15.81 19.78 21.95
N MET B 21 16.34 20.93 21.56
CA MET B 21 17.16 21.02 20.36
C MET B 21 18.38 20.14 20.47
N GLU B 22 18.83 19.88 21.70
CA GLU B 22 20.02 19.08 21.94
C GLU B 22 19.82 17.57 21.79
N LYS B 23 18.78 17.01 22.41
CA LYS B 23 18.56 15.57 22.29
C LYS B 23 18.06 15.28 20.88
N PHE B 24 17.30 16.22 20.33
CA PHE B 24 16.76 16.10 18.98
C PHE B 24 17.91 16.27 17.97
N ASN B 25 19.12 16.44 18.49
CA ASN B 25 20.30 16.61 17.65
C ASN B 25 21.26 15.44 17.81
N ALA B 26 21.17 14.76 18.95
CA ALA B 26 22.03 13.62 19.23
C ALA B 26 21.71 12.43 18.32
N SER B 27 22.72 11.65 18.00
CA SER B 27 22.55 10.48 17.13
C SER B 27 23.23 9.26 17.73
N ILE B 28 24.02 9.48 18.77
CA ILE B 28 24.75 8.40 19.43
C ILE B 28 23.81 7.29 19.87
N ALA B 29 22.56 7.65 20.14
CA ALA B 29 21.58 6.67 20.57
C ALA B 29 21.45 5.52 19.56
N TYR B 30 21.73 5.82 18.29
CA TYR B 30 21.63 4.81 17.24
C TYR B 30 22.88 4.63 16.36
N ASP B 31 23.59 5.70 16.05
CA ASP B 31 24.79 5.58 15.20
C ASP B 31 25.90 4.83 15.93
N ARG B 32 25.65 4.55 17.20
CA ARG B 32 26.58 3.84 18.07
C ARG B 32 27.03 2.50 17.47
N HIS B 33 26.23 1.97 16.55
CA HIS B 33 26.55 0.69 15.91
C HIS B 33 27.66 0.84 14.89
N LEU B 34 27.95 2.08 14.52
CA LEU B 34 29.00 2.35 13.55
C LEU B 34 30.37 2.35 14.20
N TRP B 35 30.42 2.06 15.49
CA TRP B 35 31.68 2.03 16.23
C TRP B 35 32.69 1.07 15.60
N GLU B 36 32.21 -0.07 15.15
CA GLU B 36 33.09 -1.06 14.54
C GLU B 36 33.79 -0.44 13.34
N VAL B 37 33.01 -0.05 12.35
CA VAL B 37 33.52 0.55 11.12
C VAL B 37 34.14 1.94 11.27
N ASP B 38 33.71 2.71 12.28
CA ASP B 38 34.30 4.03 12.47
C ASP B 38 35.76 3.86 12.85
N VAL B 39 35.99 2.95 13.79
CA VAL B 39 37.35 2.64 14.25
C VAL B 39 38.14 2.16 13.05
N GLN B 40 37.62 1.14 12.39
CA GLN B 40 38.26 0.57 11.21
C GLN B 40 38.60 1.69 10.21
N GLY B 41 37.64 2.57 9.95
CA GLY B 41 37.85 3.67 9.03
C GLY B 41 38.86 4.70 9.49
N SER B 42 39.08 4.78 10.80
CA SER B 42 40.04 5.74 11.35
C SER B 42 41.45 5.17 11.25
N LYS B 43 41.57 3.85 11.33
CA LYS B 43 42.87 3.20 11.22
C LYS B 43 43.43 3.40 9.83
N ALA B 44 42.55 3.36 8.82
CA ALA B 44 42.94 3.52 7.43
C ALA B 44 43.32 4.96 7.10
N TYR B 45 42.64 5.92 7.71
CA TYR B 45 42.96 7.32 7.44
C TYR B 45 44.31 7.61 8.10
N SER B 46 44.52 6.98 9.25
CA SER B 46 45.76 7.13 10.00
C SER B 46 46.94 6.74 9.11
N ARG B 47 46.85 5.56 8.49
CA ARG B 47 47.90 5.09 7.60
C ARG B 47 48.02 6.02 6.40
N GLY B 48 46.93 6.71 6.06
CA GLY B 48 46.95 7.62 4.94
C GLY B 48 47.80 8.84 5.27
N LEU B 49 47.48 9.48 6.38
CA LEU B 49 48.23 10.65 6.85
C LEU B 49 49.72 10.32 6.89
N GLU B 50 50.04 9.14 7.41
CA GLU B 50 51.43 8.71 7.52
C GLU B 50 52.13 8.87 6.18
N LYS B 51 51.74 8.08 5.18
CA LYS B 51 52.36 8.15 3.87
C LYS B 51 52.41 9.58 3.34
N ALA B 52 51.36 10.35 3.62
CA ALA B 52 51.29 11.73 3.17
C ALA B 52 52.29 12.60 3.89
N GLY B 53 52.85 12.06 4.98
CA GLY B 53 53.83 12.77 5.77
C GLY B 53 53.25 13.78 6.75
N LEU B 54 52.20 13.39 7.46
CA LEU B 54 51.58 14.29 8.43
C LEU B 54 51.86 13.80 9.83
N LEU B 55 52.36 12.57 9.92
CA LEU B 55 52.71 11.98 11.20
C LEU B 55 53.82 10.93 10.99
N THR B 56 54.48 10.56 12.08
CA THR B 56 55.59 9.62 12.01
C THR B 56 55.19 8.17 12.21
N LYS B 57 56.05 7.27 11.77
CA LYS B 57 55.83 5.84 11.89
C LYS B 57 55.50 5.50 13.35
N ALA B 58 55.90 6.37 14.26
CA ALA B 58 55.68 6.17 15.68
C ALA B 58 54.33 6.75 16.07
N GLU B 59 53.99 7.90 15.50
CA GLU B 59 52.72 8.55 15.77
C GLU B 59 51.59 7.70 15.21
N MET B 60 51.83 7.09 14.05
CA MET B 60 50.83 6.24 13.42
C MET B 60 50.56 5.03 14.32
N ASP B 61 51.62 4.36 14.75
CA ASP B 61 51.49 3.18 15.60
C ASP B 61 50.91 3.59 16.95
N GLN B 62 51.21 4.81 17.37
CA GLN B 62 50.70 5.35 18.61
C GLN B 62 49.18 5.38 18.48
N ILE B 63 48.71 6.11 17.47
CA ILE B 63 47.29 6.27 17.19
C ILE B 63 46.65 4.93 16.83
N LEU B 64 47.22 4.26 15.84
CA LEU B 64 46.73 2.97 15.36
C LEU B 64 46.45 2.01 16.51
N HIS B 65 47.44 1.84 17.37
CA HIS B 65 47.32 0.94 18.52
C HIS B 65 46.19 1.38 19.45
N GLY B 66 46.20 2.65 19.82
CA GLY B 66 45.17 3.17 20.70
C GLY B 66 43.78 2.81 20.19
N LEU B 67 43.58 2.99 18.89
CA LEU B 67 42.29 2.67 18.26
C LEU B 67 41.87 1.25 18.57
N ASP B 68 42.80 0.30 18.45
CA ASP B 68 42.47 -1.09 18.77
C ASP B 68 42.05 -1.23 20.23
N LYS B 69 42.66 -0.46 21.12
CA LYS B 69 42.26 -0.56 22.51
C LYS B 69 40.81 -0.06 22.66
N VAL B 70 40.46 0.97 21.89
CA VAL B 70 39.11 1.53 21.94
C VAL B 70 38.11 0.49 21.45
N ALA B 71 38.42 -0.12 20.31
CA ALA B 71 37.55 -1.15 19.73
C ALA B 71 37.27 -2.23 20.75
N GLU B 72 38.35 -2.71 21.37
CA GLU B 72 38.26 -3.76 22.37
C GLU B 72 37.24 -3.42 23.45
N GLU B 73 37.31 -2.20 23.97
CA GLU B 73 36.38 -1.77 25.02
C GLU B 73 34.95 -1.89 24.53
N TRP B 74 34.73 -1.59 23.25
CA TRP B 74 33.39 -1.69 22.66
C TRP B 74 32.93 -3.13 22.64
N ALA B 75 33.81 -4.02 22.20
CA ALA B 75 33.51 -5.44 22.09
C ALA B 75 33.31 -6.10 23.46
N GLN B 76 33.62 -5.39 24.53
CA GLN B 76 33.48 -5.93 25.89
C GLN B 76 32.35 -5.27 26.65
N GLY B 77 31.84 -4.17 26.11
CA GLY B 77 30.78 -3.45 26.78
C GLY B 77 31.41 -2.60 27.87
N THR B 78 32.75 -2.57 27.82
CA THR B 78 33.56 -1.82 28.79
C THR B 78 33.56 -0.31 28.48
N PHE B 79 33.27 0.03 27.23
CA PHE B 79 33.24 1.43 26.81
C PHE B 79 32.24 2.26 27.60
N LYS B 80 32.75 3.30 28.26
CA LYS B 80 31.92 4.19 29.06
C LYS B 80 31.53 5.40 28.21
N LEU B 81 30.27 5.46 27.79
CA LEU B 81 29.76 6.55 26.97
C LEU B 81 29.55 7.84 27.78
N ASN B 82 29.56 8.97 27.09
CA ASN B 82 29.38 10.28 27.74
C ASN B 82 28.08 11.00 27.36
N SER B 83 27.38 11.53 28.38
CA SER B 83 26.15 12.30 28.05
C SER B 83 26.81 13.52 27.35
N ASN B 84 28.12 13.61 27.59
CA ASN B 84 28.99 14.64 27.08
C ASN B 84 29.44 14.24 25.67
N ASP B 85 28.74 13.24 25.13
CA ASP B 85 29.01 12.71 23.77
C ASP B 85 27.82 12.94 22.85
N GLU B 86 28.09 13.49 21.67
CA GLU B 86 27.05 13.77 20.69
C GLU B 86 26.78 12.53 19.84
N ASP B 87 27.83 12.07 19.17
CA ASP B 87 27.77 10.94 18.26
C ASP B 87 28.91 9.94 18.46
N ILE B 88 28.78 8.78 17.85
CA ILE B 88 29.80 7.73 17.96
C ILE B 88 31.17 8.22 17.49
N HIS B 89 31.18 9.28 16.69
CA HIS B 89 32.44 9.82 16.17
C HIS B 89 33.20 10.56 17.25
N THR B 90 32.47 11.36 18.03
CA THR B 90 33.05 12.11 19.12
C THR B 90 33.48 11.15 20.23
N ALA B 91 32.63 10.16 20.49
CA ALA B 91 32.90 9.16 21.52
C ALA B 91 34.22 8.45 21.30
N ASN B 92 34.41 7.90 20.10
CA ASN B 92 35.63 7.19 19.79
C ASN B 92 36.91 8.01 19.89
N GLU B 93 36.88 9.26 19.44
CA GLU B 93 38.09 10.06 19.51
C GLU B 93 38.24 10.82 20.84
N ARG B 94 37.28 10.64 21.73
CA ARG B 94 37.33 11.27 23.04
C ARG B 94 38.10 10.28 23.90
N ARG B 95 37.85 9.00 23.63
CA ARG B 95 38.49 7.90 24.34
C ARG B 95 39.91 7.75 23.78
N LEU B 96 40.03 7.88 22.47
CA LEU B 96 41.31 7.77 21.79
C LEU B 96 42.23 8.89 22.29
N LYS B 97 41.64 9.87 22.97
CA LYS B 97 42.36 11.02 23.51
C LYS B 97 42.71 10.79 24.98
N GLU B 98 41.95 9.94 25.66
CA GLU B 98 42.19 9.63 27.07
C GLU B 98 43.19 8.47 27.17
N LEU B 99 43.62 7.97 26.02
CA LEU B 99 44.58 6.86 25.96
C LEU B 99 45.85 7.26 25.22
N ILE B 100 45.87 8.45 24.65
CA ILE B 100 47.02 8.92 23.89
C ILE B 100 47.22 10.43 24.05
N GLY B 101 46.13 11.12 24.35
CA GLY B 101 46.17 12.57 24.55
C GLY B 101 46.81 13.44 23.49
N ALA B 102 48.12 13.32 23.34
CA ALA B 102 48.86 14.13 22.38
C ALA B 102 48.47 13.91 20.92
N THR B 103 49.13 12.96 20.27
CA THR B 103 48.89 12.67 18.87
C THR B 103 47.41 12.51 18.49
N ALA B 104 46.62 11.99 19.42
CA ALA B 104 45.19 11.78 19.20
C ALA B 104 44.52 12.93 18.44
N GLY B 105 44.96 14.16 18.72
CA GLY B 105 44.38 15.31 18.07
C GLY B 105 45.00 15.61 16.71
N LYS B 106 45.46 14.58 16.02
CA LYS B 106 46.08 14.76 14.70
C LYS B 106 45.42 13.86 13.66
N LEU B 107 44.65 12.89 14.14
CA LEU B 107 43.95 11.93 13.29
C LEU B 107 42.94 12.59 12.36
N HIS B 108 42.26 13.63 12.85
CA HIS B 108 41.24 14.30 12.05
C HIS B 108 41.77 15.41 11.16
N THR B 109 43.07 15.39 10.89
CA THR B 109 43.68 16.42 10.04
C THR B 109 43.30 16.25 8.58
N GLY B 110 42.63 17.27 8.03
CA GLY B 110 42.20 17.22 6.65
C GLY B 110 40.92 16.44 6.46
N ARG B 111 40.44 15.82 7.55
CA ARG B 111 39.22 15.03 7.49
C ARG B 111 38.05 15.80 8.07
N SER B 112 36.88 15.62 7.47
CA SER B 112 35.66 16.29 7.92
C SER B 112 34.71 15.20 8.40
N ARG B 113 33.72 15.58 9.19
CA ARG B 113 32.76 14.61 9.64
C ARG B 113 31.88 14.21 8.46
N ASN B 114 31.78 15.09 7.47
CA ASN B 114 30.98 14.83 6.27
C ASN B 114 31.43 13.63 5.47
N ASP B 115 32.72 13.54 5.18
CA ASP B 115 33.20 12.39 4.42
C ASP B 115 33.53 11.24 5.35
N GLN B 116 33.64 11.51 6.65
CA GLN B 116 33.93 10.44 7.60
C GLN B 116 32.70 9.60 7.86
N VAL B 117 31.61 10.27 8.21
CA VAL B 117 30.35 9.60 8.52
C VAL B 117 29.85 8.71 7.37
N VAL B 118 29.89 9.25 6.16
CA VAL B 118 29.44 8.53 4.96
C VAL B 118 30.28 7.30 4.71
N THR B 119 31.58 7.40 5.00
CA THR B 119 32.47 6.26 4.82
C THR B 119 32.00 5.17 5.78
N ASP B 120 31.65 5.58 7.00
CA ASP B 120 31.17 4.65 8.01
C ASP B 120 29.87 3.96 7.58
N LEU B 121 28.93 4.75 7.08
CA LEU B 121 27.65 4.20 6.64
C LEU B 121 27.82 3.19 5.51
N ARG B 122 28.60 3.57 4.50
CA ARG B 122 28.81 2.69 3.35
C ARG B 122 29.60 1.44 3.77
N LEU B 123 30.55 1.63 4.68
CA LEU B 123 31.36 0.53 5.16
C LEU B 123 30.45 -0.45 5.91
N TRP B 124 29.62 0.10 6.79
CA TRP B 124 28.68 -0.69 7.57
C TRP B 124 27.69 -1.43 6.66
N MET B 125 27.12 -0.73 5.70
CA MET B 125 26.15 -1.37 4.81
C MET B 125 26.79 -2.46 3.96
N ARG B 126 27.99 -2.21 3.46
CA ARG B 126 28.68 -3.19 2.63
C ARG B 126 28.65 -4.54 3.32
N GLN B 127 28.82 -4.47 4.63
CA GLN B 127 28.85 -5.64 5.49
C GLN B 127 27.44 -6.19 5.72
N THR B 128 26.48 -5.32 6.06
CA THR B 128 25.12 -5.79 6.29
C THR B 128 24.47 -6.36 5.03
N CYS B 129 24.74 -5.75 3.87
CA CYS B 129 24.16 -6.24 2.64
C CYS B 129 24.71 -7.60 2.28
N SER B 130 25.88 -7.90 2.82
CA SER B 130 26.51 -9.19 2.57
C SER B 130 25.67 -10.30 3.21
N THR B 131 25.35 -10.14 4.49
CA THR B 131 24.56 -11.16 5.17
C THR B 131 23.16 -11.26 4.57
N LEU B 132 22.60 -10.13 4.18
CA LEU B 132 21.28 -10.11 3.55
C LEU B 132 21.32 -10.95 2.28
N SER B 133 22.41 -10.83 1.52
CA SER B 133 22.54 -11.63 0.30
C SER B 133 22.51 -13.12 0.65
N GLY B 134 23.21 -13.47 1.73
CA GLY B 134 23.25 -14.87 2.15
C GLY B 134 21.90 -15.36 2.61
N LEU B 135 21.22 -14.58 3.46
CA LEU B 135 19.92 -14.98 3.97
C LEU B 135 18.94 -15.20 2.83
N LEU B 136 19.03 -14.37 1.80
CA LEU B 136 18.15 -14.46 0.65
C LEU B 136 18.46 -15.68 -0.22
N TRP B 137 19.73 -15.94 -0.47
CA TRP B 137 20.10 -17.10 -1.26
C TRP B 137 19.62 -18.35 -0.53
N GLU B 138 19.66 -18.30 0.79
CA GLU B 138 19.20 -19.42 1.63
C GLU B 138 17.68 -19.69 1.47
N LEU B 139 16.90 -18.61 1.38
CA LEU B 139 15.46 -18.74 1.22
C LEU B 139 15.16 -19.33 -0.16
N ILE B 140 15.87 -18.84 -1.17
CA ILE B 140 15.68 -19.32 -2.54
C ILE B 140 16.08 -20.78 -2.64
N ARG B 141 17.25 -21.12 -2.12
CA ARG B 141 17.74 -22.50 -2.17
C ARG B 141 16.72 -23.42 -1.50
N THR B 142 16.17 -22.99 -0.37
CA THR B 142 15.19 -23.78 0.34
C THR B 142 13.94 -24.00 -0.52
N MET B 143 13.38 -22.91 -1.03
CA MET B 143 12.21 -23.02 -1.87
C MET B 143 12.48 -23.93 -3.07
N VAL B 144 13.60 -23.73 -3.73
CA VAL B 144 13.96 -24.56 -4.87
C VAL B 144 14.05 -26.04 -4.50
N ASP B 145 14.69 -26.34 -3.38
CA ASP B 145 14.83 -27.72 -2.96
C ASP B 145 13.51 -28.39 -2.65
N ARG B 146 12.61 -27.67 -1.98
CA ARG B 146 11.32 -28.27 -1.67
C ARG B 146 10.51 -28.45 -2.96
N ALA B 147 10.73 -27.56 -3.92
CA ALA B 147 10.03 -27.61 -5.20
C ALA B 147 10.38 -28.92 -5.91
N GLU B 148 11.65 -29.31 -5.84
CA GLU B 148 12.09 -30.54 -6.47
C GLU B 148 11.50 -31.77 -5.77
N ALA B 149 11.51 -31.74 -4.45
CA ALA B 149 10.97 -32.84 -3.65
C ALA B 149 9.46 -33.06 -3.83
N GLU B 150 8.71 -31.99 -4.01
CA GLU B 150 7.27 -32.11 -4.16
C GLU B 150 6.71 -31.88 -5.58
N ARG B 151 7.54 -32.16 -6.59
CA ARG B 151 7.16 -32.00 -8.00
C ARG B 151 5.91 -32.73 -8.46
N ASP B 152 5.44 -33.72 -7.72
CA ASP B 152 4.26 -34.46 -8.16
C ASP B 152 2.95 -34.18 -7.46
N VAL B 153 2.91 -33.10 -6.69
CA VAL B 153 1.68 -32.71 -6.01
C VAL B 153 0.91 -31.79 -6.96
N LEU B 154 -0.41 -31.87 -6.95
CA LEU B 154 -1.20 -31.00 -7.81
C LEU B 154 -2.29 -30.29 -7.04
N PHE B 155 -2.53 -29.05 -7.40
CA PHE B 155 -3.59 -28.25 -6.79
C PHE B 155 -4.01 -27.21 -7.83
N PRO B 156 -5.06 -26.43 -7.55
CA PRO B 156 -5.49 -25.43 -8.54
C PRO B 156 -4.67 -24.16 -8.68
N GLY B 157 -4.71 -23.61 -9.89
CA GLY B 157 -4.06 -22.36 -10.22
C GLY B 157 -5.20 -21.35 -10.29
N TYR B 158 -4.98 -20.11 -9.87
CA TYR B 158 -6.07 -19.12 -9.88
C TYR B 158 -5.85 -17.84 -10.69
N THR B 159 -6.97 -17.23 -11.07
CA THR B 159 -7.00 -15.95 -11.78
C THR B 159 -8.24 -15.28 -11.18
N HIS B 160 -8.14 -14.01 -10.79
CA HIS B 160 -9.27 -13.33 -10.19
C HIS B 160 -9.71 -14.15 -8.96
N LEU B 161 -8.78 -14.94 -8.45
CA LEU B 161 -9.00 -15.77 -7.28
C LEU B 161 -10.13 -16.79 -7.50
N GLN B 162 -10.30 -17.18 -8.76
CA GLN B 162 -11.30 -18.18 -9.16
C GLN B 162 -10.52 -19.40 -9.65
N ARG B 163 -10.99 -20.60 -9.32
CA ARG B 163 -10.29 -21.80 -9.77
C ARG B 163 -10.25 -21.80 -11.29
N ALA B 164 -9.05 -21.90 -11.84
CA ALA B 164 -8.87 -21.89 -13.28
C ALA B 164 -8.56 -23.25 -13.86
N GLN B 165 -7.46 -23.86 -13.41
CA GLN B 165 -7.03 -25.14 -13.92
C GLN B 165 -5.96 -25.73 -13.03
N PRO B 166 -5.78 -27.06 -13.10
CA PRO B 166 -4.77 -27.70 -12.27
C PRO B 166 -3.34 -27.30 -12.65
N ILE B 167 -2.50 -27.19 -11.65
CA ILE B 167 -1.10 -26.85 -11.85
C ILE B 167 -0.27 -27.61 -10.83
N ARG B 168 1.05 -27.58 -11.00
CA ARG B 168 1.92 -28.26 -10.07
C ARG B 168 2.21 -27.32 -8.91
N TRP B 169 2.08 -27.84 -7.70
CA TRP B 169 2.35 -27.05 -6.49
C TRP B 169 3.77 -26.51 -6.58
N SER B 170 4.66 -27.28 -7.18
CA SER B 170 6.06 -26.88 -7.33
C SER B 170 6.16 -25.64 -8.20
N HIS B 171 5.34 -25.58 -9.24
CA HIS B 171 5.33 -24.44 -10.17
C HIS B 171 5.01 -23.16 -9.40
N TRP B 172 4.06 -23.26 -8.47
CA TRP B 172 3.66 -22.13 -7.67
C TRP B 172 4.85 -21.67 -6.83
N ILE B 173 5.56 -22.62 -6.23
CA ILE B 173 6.73 -22.31 -5.41
C ILE B 173 7.77 -21.60 -6.27
N LEU B 174 8.13 -22.23 -7.38
CA LEU B 174 9.11 -21.64 -8.27
C LEU B 174 8.71 -20.25 -8.77
N SER B 175 7.42 -19.95 -8.76
CA SER B 175 6.98 -18.64 -9.24
C SER B 175 7.44 -17.52 -8.31
N HIS B 176 7.50 -17.80 -7.00
CA HIS B 176 7.95 -16.81 -6.04
C HIS B 176 9.48 -16.83 -5.95
N ALA B 177 10.06 -18.01 -6.11
CA ALA B 177 11.51 -18.14 -6.06
C ALA B 177 12.14 -17.30 -7.18
N VAL B 178 11.56 -17.41 -8.37
CA VAL B 178 12.04 -16.69 -9.52
C VAL B 178 12.01 -15.17 -9.29
N ALA B 179 10.94 -14.69 -8.66
CA ALA B 179 10.84 -13.25 -8.38
C ALA B 179 11.92 -12.84 -7.37
N LEU B 180 12.14 -13.67 -6.37
CA LEU B 180 13.15 -13.41 -5.35
C LEU B 180 14.57 -13.39 -5.92
N THR B 181 14.83 -14.17 -6.97
CA THR B 181 16.18 -14.17 -7.55
C THR B 181 16.42 -12.83 -8.23
N ARG B 182 15.34 -12.18 -8.65
CA ARG B 182 15.49 -10.86 -9.26
C ARG B 182 15.83 -9.91 -8.10
N ASP B 183 15.20 -10.10 -6.95
CA ASP B 183 15.49 -9.27 -5.78
C ASP B 183 16.95 -9.51 -5.42
N SER B 184 17.39 -10.75 -5.58
CA SER B 184 18.75 -11.14 -5.30
C SER B 184 19.71 -10.44 -6.28
N GLU B 185 19.31 -10.39 -7.55
CA GLU B 185 20.11 -9.73 -8.58
C GLU B 185 20.22 -8.22 -8.32
N ARG B 186 19.11 -7.61 -7.91
CA ARG B 186 19.08 -6.19 -7.62
C ARG B 186 19.96 -5.85 -6.42
N LEU B 187 19.96 -6.69 -5.40
CA LEU B 187 20.79 -6.42 -4.24
C LEU B 187 22.26 -6.39 -4.66
N LEU B 188 22.67 -7.33 -5.50
CA LEU B 188 24.04 -7.39 -5.97
C LEU B 188 24.46 -6.11 -6.69
N GLU B 189 23.55 -5.53 -7.47
CA GLU B 189 23.86 -4.32 -8.20
C GLU B 189 23.99 -3.16 -7.21
N VAL B 190 23.13 -3.14 -6.20
CA VAL B 190 23.17 -2.08 -5.19
C VAL B 190 24.47 -2.21 -4.40
N ARG B 191 24.89 -3.45 -4.13
CA ARG B 191 26.11 -3.67 -3.38
C ARG B 191 27.35 -3.09 -4.05
N LYS B 192 27.38 -3.07 -5.38
CA LYS B 192 28.51 -2.50 -6.10
C LYS B 192 28.57 -1.02 -5.85
N ARG B 193 27.45 -0.33 -6.11
CA ARG B 193 27.44 1.11 -5.91
C ARG B 193 27.68 1.54 -4.47
N ILE B 194 27.58 0.60 -3.54
CA ILE B 194 27.83 0.90 -2.13
C ILE B 194 29.34 0.85 -1.87
N ASN B 195 29.99 -0.10 -2.55
CA ASN B 195 31.42 -0.34 -2.42
C ASN B 195 32.29 0.68 -3.16
N VAL B 196 32.11 1.95 -2.82
CA VAL B 196 32.84 3.06 -3.40
C VAL B 196 33.31 3.90 -2.21
N LEU B 197 34.60 4.21 -2.16
CA LEU B 197 35.21 4.95 -1.05
C LEU B 197 35.07 6.46 -1.13
N PRO B 198 34.28 7.05 -0.21
CA PRO B 198 34.04 8.50 -0.17
C PRO B 198 35.08 9.25 0.67
N LEU B 199 35.84 8.50 1.47
CA LEU B 199 36.87 9.08 2.33
C LEU B 199 37.95 9.81 1.54
N GLY B 200 38.19 11.07 1.88
CA GLY B 200 39.19 11.86 1.18
C GLY B 200 38.53 13.00 0.43
N SER B 201 37.24 13.21 0.69
CA SER B 201 36.50 14.28 0.04
C SER B 201 36.44 15.52 0.93
N GLY B 202 36.96 15.40 2.15
CA GLY B 202 36.94 16.53 3.05
C GLY B 202 35.51 16.93 3.38
N ALA B 203 35.28 18.22 3.58
CA ALA B 203 33.95 18.70 3.92
C ALA B 203 33.13 19.07 2.68
N ILE B 204 33.81 19.35 1.58
CA ILE B 204 33.12 19.74 0.36
C ILE B 204 34.07 19.87 -0.85
N ALA B 205 35.23 20.47 -0.63
CA ALA B 205 36.18 20.68 -1.72
C ALA B 205 37.19 19.56 -1.92
N GLY B 206 37.28 18.66 -0.95
CA GLY B 206 38.21 17.54 -1.06
C GLY B 206 39.22 17.51 0.06
N ASN B 207 40.20 16.60 -0.01
CA ASN B 207 41.26 16.52 1.00
C ASN B 207 42.28 17.60 0.64
N PRO B 208 42.57 18.50 1.59
CA PRO B 208 43.53 19.59 1.35
C PRO B 208 45.02 19.25 1.46
N LEU B 209 45.36 18.21 2.20
CA LEU B 209 46.76 17.84 2.39
C LEU B 209 47.28 16.76 1.46
N GLY B 210 46.54 16.50 0.38
CA GLY B 210 46.95 15.50 -0.58
C GLY B 210 47.23 14.10 -0.08
N VAL B 211 46.33 13.50 0.70
CA VAL B 211 46.56 12.14 1.18
C VAL B 211 46.20 11.25 -0.01
N ASP B 212 46.76 10.05 -0.05
CA ASP B 212 46.51 9.12 -1.15
C ASP B 212 45.12 8.48 -1.05
N ARG B 213 44.32 8.69 -2.09
CA ARG B 213 42.97 8.15 -2.12
C ARG B 213 43.00 6.67 -2.50
N GLU B 214 43.97 6.30 -3.33
CA GLU B 214 44.14 4.92 -3.76
C GLU B 214 44.55 4.06 -2.55
N LEU B 215 45.44 4.59 -1.70
CA LEU B 215 45.86 3.84 -0.53
C LEU B 215 44.65 3.53 0.34
N LEU B 216 43.94 4.58 0.74
CA LEU B 216 42.75 4.45 1.57
C LEU B 216 41.81 3.40 0.97
N ARG B 217 41.66 3.47 -0.35
CA ARG B 217 40.80 2.55 -1.07
C ARG B 217 41.28 1.10 -0.85
N ALA B 218 42.58 0.87 -0.98
CA ALA B 218 43.14 -0.46 -0.76
C ALA B 218 43.03 -0.91 0.70
N GLU B 219 43.33 -0.01 1.63
CA GLU B 219 43.25 -0.35 3.05
C GLU B 219 41.88 -0.91 3.36
N LEU B 220 40.86 -0.06 3.20
CA LEU B 220 39.49 -0.44 3.48
C LEU B 220 38.91 -1.43 2.47
N ASN B 221 39.71 -1.81 1.47
CA ASN B 221 39.27 -2.76 0.46
C ASN B 221 37.99 -2.38 -0.26
N PHE B 222 37.90 -1.14 -0.73
CA PHE B 222 36.73 -0.71 -1.45
C PHE B 222 36.93 -1.06 -2.92
N GLY B 223 35.86 -0.94 -3.71
CA GLY B 223 35.95 -1.27 -5.12
C GLY B 223 36.41 -0.13 -5.99
N ALA B 224 36.25 1.10 -5.51
CA ALA B 224 36.66 2.30 -6.25
C ALA B 224 36.56 3.51 -5.34
N ILE B 225 36.89 4.69 -5.89
CA ILE B 225 36.81 5.91 -5.11
C ILE B 225 35.83 6.84 -5.80
N THR B 226 35.18 7.68 -5.02
CA THR B 226 34.21 8.63 -5.56
C THR B 226 34.87 9.62 -6.51
N LEU B 227 34.17 9.94 -7.59
CA LEU B 227 34.71 10.85 -8.61
C LEU B 227 34.68 12.32 -8.21
N ASN B 228 33.72 12.70 -7.36
CA ASN B 228 33.59 14.10 -6.97
C ASN B 228 33.25 14.29 -5.49
N SER B 229 34.04 15.13 -4.82
CA SER B 229 33.87 15.42 -3.39
C SER B 229 32.51 16.00 -2.99
N MET B 230 31.93 16.84 -3.84
CA MET B 230 30.65 17.43 -3.52
C MET B 230 29.57 16.37 -3.56
N ASP B 231 29.64 15.51 -4.55
CA ASP B 231 28.66 14.44 -4.67
C ASP B 231 28.85 13.45 -3.52
N ALA B 232 30.09 13.04 -3.33
CA ALA B 232 30.45 12.09 -2.28
C ALA B 232 29.99 12.45 -0.88
N THR B 233 29.90 13.74 -0.59
CA THR B 233 29.49 14.14 0.75
C THR B 233 28.02 14.48 0.87
N SER B 234 27.34 14.68 -0.25
CA SER B 234 25.94 15.02 -0.19
C SER B 234 24.96 13.99 -0.75
N GLU B 235 25.40 13.15 -1.68
CA GLU B 235 24.50 12.16 -2.25
C GLU B 235 24.20 11.01 -1.31
N ARG B 236 23.02 10.42 -1.48
CA ARG B 236 22.60 9.30 -0.67
C ARG B 236 21.83 8.29 -1.53
N ASP B 237 22.23 8.18 -2.80
CA ASP B 237 21.60 7.24 -3.73
C ASP B 237 21.69 5.82 -3.23
N PHE B 238 22.84 5.50 -2.62
CA PHE B 238 23.07 4.16 -2.11
C PHE B 238 22.10 3.78 -1.01
N VAL B 239 21.60 4.78 -0.28
CA VAL B 239 20.64 4.52 0.79
C VAL B 239 19.23 4.40 0.20
N ALA B 240 18.87 5.31 -0.70
CA ALA B 240 17.56 5.31 -1.35
C ALA B 240 17.38 4.01 -2.14
N GLU B 241 18.41 3.66 -2.88
CA GLU B 241 18.45 2.45 -3.71
C GLU B 241 18.17 1.20 -2.87
N PHE B 242 18.85 1.11 -1.73
CA PHE B 242 18.71 0.01 -0.79
C PHE B 242 17.27 -0.08 -0.28
N LEU B 243 16.73 1.05 0.17
CA LEU B 243 15.37 1.12 0.67
C LEU B 243 14.35 0.67 -0.38
N PHE B 244 14.58 1.00 -1.65
CA PHE B 244 13.66 0.57 -2.68
C PHE B 244 13.79 -0.92 -2.89
N TRP B 245 15.02 -1.41 -2.93
CA TRP B 245 15.29 -2.83 -3.09
C TRP B 245 14.49 -3.62 -2.06
N ARG B 246 14.57 -3.14 -0.82
CA ARG B 246 13.87 -3.77 0.29
C ARG B 246 12.37 -3.70 0.10
N SER B 247 11.89 -2.54 -0.33
CA SER B 247 10.46 -2.35 -0.55
C SER B 247 9.90 -3.29 -1.59
N LEU B 248 10.60 -3.42 -2.73
CA LEU B 248 10.16 -4.31 -3.80
C LEU B 248 10.27 -5.78 -3.41
N CYS B 249 11.24 -6.12 -2.57
CA CYS B 249 11.39 -7.48 -2.09
C CYS B 249 10.21 -7.79 -1.17
N MET B 250 9.90 -6.83 -0.30
CA MET B 250 8.77 -6.97 0.63
C MET B 250 7.44 -7.13 -0.11
N THR B 251 7.38 -6.58 -1.33
CA THR B 251 6.18 -6.68 -2.15
C THR B 251 5.98 -8.17 -2.46
N HIS B 252 7.04 -8.81 -2.94
CA HIS B 252 7.01 -10.23 -3.27
C HIS B 252 6.63 -11.10 -2.06
N LEU B 253 7.30 -10.86 -0.93
CA LEU B 253 7.03 -11.61 0.28
C LEU B 253 5.59 -11.38 0.78
N SER B 254 5.07 -10.17 0.59
CA SER B 254 3.72 -9.89 1.02
C SER B 254 2.76 -10.71 0.18
N ARG B 255 3.15 -10.99 -1.07
CA ARG B 255 2.32 -11.76 -1.99
C ARG B 255 2.32 -13.24 -1.61
N MET B 256 3.49 -13.75 -1.25
CA MET B 256 3.62 -15.14 -0.83
C MET B 256 2.86 -15.33 0.48
N ALA B 257 2.90 -14.30 1.33
CA ALA B 257 2.20 -14.36 2.61
C ALA B 257 0.70 -14.43 2.36
N GLU B 258 0.20 -13.57 1.46
CA GLU B 258 -1.22 -13.54 1.13
C GLU B 258 -1.67 -14.92 0.65
N ASP B 259 -0.92 -15.52 -0.28
CA ASP B 259 -1.25 -16.85 -0.79
C ASP B 259 -1.33 -17.87 0.34
N LEU B 260 -0.22 -18.05 1.04
CA LEU B 260 -0.16 -19.00 2.14
C LEU B 260 -1.24 -18.74 3.21
N ILE B 261 -1.51 -17.48 3.51
CA ILE B 261 -2.53 -17.16 4.51
C ILE B 261 -3.87 -17.67 4.02
N LEU B 262 -4.09 -17.49 2.72
CA LEU B 262 -5.32 -17.91 2.10
C LEU B 262 -5.37 -19.44 2.10
N TYR B 263 -4.27 -20.07 1.72
CA TYR B 263 -4.23 -21.54 1.65
C TYR B 263 -4.40 -22.26 2.98
N CYS B 264 -4.24 -21.56 4.10
CA CYS B 264 -4.42 -22.24 5.37
C CYS B 264 -5.73 -21.91 6.05
N THR B 265 -6.70 -21.43 5.28
CA THR B 265 -8.03 -21.15 5.82
C THR B 265 -8.80 -22.46 5.72
N LYS B 266 -9.80 -22.64 6.58
CA LYS B 266 -10.61 -23.84 6.51
C LYS B 266 -11.13 -23.99 5.08
N GLU B 267 -11.56 -22.86 4.52
CA GLU B 267 -12.07 -22.85 3.16
C GLU B 267 -11.17 -23.54 2.13
N PHE B 268 -9.86 -23.28 2.18
CA PHE B 268 -8.93 -23.90 1.21
C PHE B 268 -8.29 -25.18 1.78
N SER B 269 -7.73 -25.06 2.98
CA SER B 269 -7.08 -26.16 3.67
C SER B 269 -6.04 -26.93 2.86
N PHE B 270 -5.19 -26.21 2.11
CA PHE B 270 -4.15 -26.86 1.31
C PHE B 270 -2.85 -26.95 2.09
N VAL B 271 -2.64 -25.96 2.95
CA VAL B 271 -1.41 -25.88 3.73
C VAL B 271 -1.72 -25.70 5.21
N GLN B 272 -0.73 -26.02 6.03
CA GLN B 272 -0.81 -25.84 7.47
C GLN B 272 0.59 -25.47 7.97
N LEU B 273 0.66 -24.49 8.86
CA LEU B 273 1.95 -24.04 9.40
C LEU B 273 2.33 -24.80 10.67
N SER B 274 3.63 -24.93 10.89
CA SER B 274 4.13 -25.61 12.08
C SER B 274 3.78 -24.75 13.29
N ASP B 275 3.65 -25.35 14.46
CA ASP B 275 3.31 -24.57 15.64
C ASP B 275 4.30 -23.44 15.91
N ALA B 276 5.53 -23.61 15.44
CA ALA B 276 6.56 -22.60 15.63
C ALA B 276 6.20 -21.25 15.03
N TYR B 277 5.40 -21.28 13.95
CA TYR B 277 5.01 -20.05 13.25
C TYR B 277 3.52 -19.76 13.19
N SER B 278 2.75 -20.36 14.09
CA SER B 278 1.31 -20.11 14.12
C SER B 278 0.89 -19.97 15.58
N THR B 279 -0.36 -19.59 15.78
CA THR B 279 -0.93 -19.40 17.11
C THR B 279 -2.31 -20.02 17.12
N GLY B 280 -2.52 -20.99 18.00
CA GLY B 280 -3.81 -21.66 18.07
C GLY B 280 -4.75 -21.09 19.11
N SER B 281 -5.98 -21.59 19.11
CA SER B 281 -6.99 -21.16 20.06
C SER B 281 -7.08 -22.17 21.20
N SER B 282 -7.21 -21.66 22.41
CA SER B 282 -7.30 -22.52 23.59
C SER B 282 -8.51 -23.46 23.50
N LEU B 283 -9.70 -22.90 23.29
CA LEU B 283 -10.92 -23.70 23.19
C LEU B 283 -11.21 -24.19 21.79
N MET B 284 -10.34 -23.88 20.84
CA MET B 284 -10.53 -24.29 19.46
C MET B 284 -9.22 -24.80 18.86
N PRO B 285 -8.96 -26.11 18.96
CA PRO B 285 -7.74 -26.74 18.45
C PRO B 285 -7.57 -26.66 16.93
N ARG B 286 -8.68 -26.51 16.21
CA ARG B 286 -8.59 -26.42 14.76
C ARG B 286 -8.22 -25.04 14.28
N LYS B 287 -8.38 -24.02 15.13
CA LYS B 287 -8.07 -22.64 14.75
C LYS B 287 -6.58 -22.32 14.88
N LYS B 288 -5.88 -22.27 13.75
CA LYS B 288 -4.46 -21.97 13.72
C LYS B 288 -4.14 -20.67 12.97
N ASN B 289 -4.02 -19.57 13.71
CA ASN B 289 -3.75 -18.27 13.13
C ASN B 289 -2.33 -18.13 12.57
N PRO B 290 -2.22 -17.63 11.32
CA PRO B 290 -0.94 -17.43 10.63
C PRO B 290 -0.16 -16.18 11.06
N ASP B 291 -0.09 -15.91 12.36
CA ASP B 291 0.63 -14.74 12.85
C ASP B 291 1.87 -14.40 12.03
N SER B 292 2.79 -15.35 11.89
CA SER B 292 4.02 -15.15 11.14
C SER B 292 3.81 -14.54 9.76
N LEU B 293 2.86 -15.10 9.00
CA LEU B 293 2.57 -14.60 7.67
C LEU B 293 2.00 -13.19 7.70
N GLU B 294 1.09 -12.93 8.63
CA GLU B 294 0.49 -11.61 8.73
C GLU B 294 1.57 -10.59 9.12
N LEU B 295 2.49 -11.01 9.98
CA LEU B 295 3.58 -10.12 10.38
C LEU B 295 4.37 -9.71 9.15
N ILE B 296 4.78 -10.68 8.36
CA ILE B 296 5.54 -10.39 7.16
C ILE B 296 4.80 -9.38 6.29
N ARG B 297 3.52 -9.63 6.05
CA ARG B 297 2.71 -8.76 5.21
C ARG B 297 2.67 -7.32 5.72
N SER B 298 2.60 -7.16 7.04
CA SER B 298 2.54 -5.83 7.62
C SER B 298 3.84 -5.05 7.46
N LYS B 299 4.94 -5.75 7.33
CA LYS B 299 6.23 -5.09 7.21
C LYS B 299 6.51 -4.43 5.88
N ALA B 300 5.72 -4.75 4.87
CA ALA B 300 5.93 -4.15 3.56
C ALA B 300 5.67 -2.64 3.61
N GLY B 301 4.70 -2.22 4.42
CA GLY B 301 4.37 -0.81 4.54
C GLY B 301 5.40 -0.08 5.35
N ARG B 302 5.89 -0.75 6.40
CA ARG B 302 6.90 -0.19 7.28
C ARG B 302 8.06 0.18 6.40
N VAL B 303 8.56 -0.80 5.67
CA VAL B 303 9.69 -0.59 4.78
C VAL B 303 9.46 0.44 3.68
N PHE B 304 8.40 0.27 2.90
CA PHE B 304 8.14 1.23 1.81
C PHE B 304 8.07 2.66 2.32
N GLY B 305 7.45 2.83 3.48
CA GLY B 305 7.32 4.15 4.08
C GLY B 305 8.65 4.82 4.36
N ARG B 306 9.64 4.05 4.83
CA ARG B 306 10.95 4.64 5.09
C ARG B 306 11.53 5.13 3.78
N CYS B 307 11.37 4.33 2.73
CA CYS B 307 11.88 4.69 1.41
C CYS B 307 11.22 5.99 0.95
N ALA B 308 9.90 6.04 1.06
CA ALA B 308 9.14 7.22 0.66
C ALA B 308 9.64 8.42 1.47
N GLY B 309 9.90 8.18 2.75
CA GLY B 309 10.36 9.24 3.63
C GLY B 309 11.73 9.79 3.27
N LEU B 310 12.66 8.93 2.89
CA LEU B 310 14.00 9.38 2.54
C LEU B 310 13.98 10.20 1.26
N LEU B 311 13.11 9.81 0.33
CA LEU B 311 12.99 10.50 -0.95
C LEU B 311 12.44 11.92 -0.76
N MET B 312 11.50 12.10 0.14
CA MET B 312 10.94 13.43 0.35
C MET B 312 11.96 14.33 1.03
N THR B 313 12.84 13.72 1.82
CA THR B 313 13.87 14.47 2.52
C THR B 313 14.95 14.96 1.56
N LEU B 314 15.29 14.13 0.59
CA LEU B 314 16.32 14.48 -0.38
C LEU B 314 15.84 15.49 -1.44
N LYS B 315 14.55 15.47 -1.74
CA LYS B 315 13.97 16.34 -2.75
C LYS B 315 14.19 17.84 -2.51
N GLY B 316 14.69 18.53 -3.53
CA GLY B 316 14.91 19.97 -3.44
C GLY B 316 16.04 20.50 -2.56
N LEU B 317 16.81 19.63 -1.93
CA LEU B 317 17.89 20.13 -1.08
C LEU B 317 18.96 20.80 -1.94
N PRO B 318 19.48 21.96 -1.49
CA PRO B 318 20.52 22.69 -2.23
C PRO B 318 21.92 22.12 -1.96
N SER B 319 22.87 22.39 -2.85
CA SER B 319 24.23 21.91 -2.65
C SER B 319 24.88 22.77 -1.57
N THR B 320 25.85 22.22 -0.83
CA THR B 320 26.26 20.83 -0.94
C THR B 320 25.73 20.00 0.25
N TYR B 321 26.43 20.04 1.39
CA TYR B 321 26.00 19.29 2.55
C TYR B 321 24.96 20.03 3.37
N ASN B 322 24.01 19.29 3.92
CA ASN B 322 22.95 19.87 4.75
C ASN B 322 22.65 18.93 5.91
N LYS B 323 22.16 19.49 7.02
CA LYS B 323 21.83 18.70 8.19
C LYS B 323 20.73 17.66 7.90
N ASP B 324 19.87 17.96 6.93
CA ASP B 324 18.78 17.07 6.53
C ASP B 324 19.27 15.66 6.21
N LEU B 325 20.50 15.55 5.74
CA LEU B 325 21.09 14.27 5.40
C LEU B 325 21.24 13.33 6.59
N GLN B 326 21.12 13.86 7.79
CA GLN B 326 21.27 13.04 9.00
C GLN B 326 20.17 11.99 9.19
N GLU B 327 19.09 12.12 8.41
CA GLU B 327 17.95 11.21 8.50
C GLU B 327 18.20 9.81 7.92
N ASP B 328 19.34 9.66 7.26
CA ASP B 328 19.67 8.39 6.64
C ASP B 328 19.96 7.20 7.54
N LYS B 329 20.69 7.42 8.64
CA LYS B 329 21.09 6.33 9.54
C LYS B 329 20.00 5.42 10.12
N GLU B 330 19.03 6.01 10.81
CA GLU B 330 17.95 5.22 11.42
C GLU B 330 17.16 4.46 10.35
N ALA B 331 16.95 5.09 9.20
CA ALA B 331 16.21 4.46 8.12
C ALA B 331 16.87 3.15 7.71
N VAL B 332 18.17 3.18 7.45
CA VAL B 332 18.92 2.00 7.05
C VAL B 332 18.90 0.94 8.14
N PHE B 333 19.18 1.35 9.36
CA PHE B 333 19.20 0.44 10.49
C PHE B 333 17.88 -0.33 10.63
N GLU B 334 16.77 0.39 10.76
CA GLU B 334 15.45 -0.23 10.93
C GLU B 334 15.10 -1.20 9.81
N VAL B 335 15.27 -0.76 8.58
CA VAL B 335 14.97 -1.62 7.43
C VAL B 335 15.90 -2.83 7.38
N SER B 336 17.16 -2.63 7.75
CA SER B 336 18.13 -3.74 7.75
C SER B 336 17.69 -4.83 8.72
N ASP B 337 17.29 -4.43 9.94
CA ASP B 337 16.85 -5.42 10.92
C ASP B 337 15.58 -6.12 10.43
N THR B 338 14.61 -5.34 9.97
CA THR B 338 13.36 -5.88 9.47
C THR B 338 13.59 -6.92 8.38
N MET B 339 14.44 -6.59 7.40
CA MET B 339 14.70 -7.51 6.30
C MET B 339 15.35 -8.81 6.75
N SER B 340 16.22 -8.74 7.75
CA SER B 340 16.89 -9.93 8.24
C SER B 340 15.91 -10.85 8.94
N ALA B 341 15.05 -10.26 9.77
CA ALA B 341 14.07 -11.02 10.50
C ALA B 341 13.06 -11.66 9.54
N VAL B 342 12.45 -10.84 8.68
CA VAL B 342 11.47 -11.35 7.73
C VAL B 342 11.99 -12.46 6.81
N LEU B 343 13.22 -12.32 6.34
CA LEU B 343 13.79 -13.33 5.46
C LEU B 343 14.00 -14.66 6.20
N GLN B 344 14.49 -14.58 7.42
CA GLN B 344 14.70 -15.79 8.19
C GLN B 344 13.37 -16.43 8.55
N VAL B 345 12.41 -15.62 9.00
CA VAL B 345 11.10 -16.14 9.36
C VAL B 345 10.44 -16.80 8.14
N ALA B 346 10.64 -16.22 6.97
CA ALA B 346 10.06 -16.78 5.75
C ALA B 346 10.73 -18.09 5.42
N THR B 347 12.02 -18.20 5.72
CA THR B 347 12.75 -19.42 5.41
C THR B 347 12.27 -20.54 6.32
N GLY B 348 11.92 -20.18 7.55
CA GLY B 348 11.44 -21.17 8.49
C GLY B 348 10.04 -21.64 8.15
N VAL B 349 9.22 -20.72 7.63
CA VAL B 349 7.84 -21.05 7.27
C VAL B 349 7.77 -22.04 6.10
N ILE B 350 8.32 -21.68 4.95
CA ILE B 350 8.27 -22.59 3.80
C ILE B 350 9.06 -23.86 4.09
N SER B 351 10.00 -23.76 5.01
CA SER B 351 10.83 -24.90 5.37
C SER B 351 10.09 -25.95 6.20
N THR B 352 9.21 -25.49 7.08
CA THR B 352 8.48 -26.41 7.94
C THR B 352 6.97 -26.53 7.72
N LEU B 353 6.42 -25.90 6.69
CA LEU B 353 4.97 -25.98 6.49
C LEU B 353 4.58 -27.32 5.88
N GLN B 354 3.40 -27.81 6.26
CA GLN B 354 2.92 -29.09 5.76
C GLN B 354 1.83 -28.84 4.74
N ILE B 355 1.74 -29.71 3.74
CA ILE B 355 0.71 -29.60 2.71
C ILE B 355 -0.26 -30.77 2.86
N HIS B 356 -1.47 -30.60 2.35
CA HIS B 356 -2.49 -31.64 2.40
C HIS B 356 -2.80 -32.06 0.97
N GLN B 357 -1.93 -32.89 0.42
CA GLN B 357 -2.07 -33.38 -0.95
C GLN B 357 -3.50 -33.74 -1.34
N GLU B 358 -4.23 -34.38 -0.43
CA GLU B 358 -5.61 -34.77 -0.70
C GLU B 358 -6.54 -33.59 -0.91
N ASN B 359 -6.57 -32.66 0.05
CA ASN B 359 -7.40 -31.48 -0.08
C ASN B 359 -7.05 -30.73 -1.37
N MET B 360 -5.76 -30.69 -1.69
CA MET B 360 -5.30 -30.01 -2.90
C MET B 360 -5.84 -30.68 -4.15
N GLY B 361 -5.86 -32.01 -4.12
CA GLY B 361 -6.33 -32.79 -5.25
C GLY B 361 -7.84 -32.70 -5.38
N GLN B 362 -8.53 -32.59 -4.25
CA GLN B 362 -9.99 -32.51 -4.23
C GLN B 362 -10.55 -31.20 -4.76
N ALA B 363 -9.74 -30.14 -4.78
CA ALA B 363 -10.18 -28.85 -5.27
C ALA B 363 -10.19 -28.84 -6.79
N LEU B 364 -9.63 -29.88 -7.40
CA LEU B 364 -9.62 -29.99 -8.84
C LEU B 364 -10.95 -30.60 -9.27
N SER B 365 -11.58 -30.02 -10.28
CA SER B 365 -12.87 -30.49 -10.77
C SER B 365 -12.84 -30.64 -12.27
N PRO B 366 -13.68 -31.55 -12.82
CA PRO B 366 -13.79 -31.83 -14.25
C PRO B 366 -14.09 -30.62 -15.14
N ASP B 367 -14.89 -29.69 -14.64
CA ASP B 367 -15.25 -28.51 -15.42
C ASP B 367 -14.04 -27.67 -15.80
N MET B 368 -12.87 -27.98 -15.22
CA MET B 368 -11.65 -27.26 -15.54
C MET B 368 -11.08 -27.84 -16.82
N LEU B 369 -11.42 -29.10 -17.08
CA LEU B 369 -10.94 -29.81 -18.27
C LEU B 369 -11.67 -29.46 -19.55
N ALA B 370 -12.80 -28.76 -19.42
CA ALA B 370 -13.61 -28.35 -20.57
C ALA B 370 -12.77 -27.79 -21.70
N THR B 371 -11.73 -27.05 -21.33
CA THR B 371 -10.85 -26.44 -22.30
C THR B 371 -9.84 -27.45 -22.85
N ASP B 372 -9.48 -28.45 -22.05
CA ASP B 372 -8.53 -29.45 -22.50
C ASP B 372 -9.19 -30.24 -23.60
N LEU B 373 -10.51 -30.39 -23.48
CA LEU B 373 -11.30 -31.12 -24.45
C LEU B 373 -11.11 -30.46 -25.81
N ALA B 374 -11.06 -29.13 -25.79
CA ALA B 374 -10.89 -28.34 -27.00
C ALA B 374 -9.49 -28.49 -27.58
N TYR B 375 -8.48 -28.53 -26.71
CA TYR B 375 -7.09 -28.69 -27.18
C TYR B 375 -6.92 -30.06 -27.84
N TYR B 376 -7.65 -31.05 -27.32
CA TYR B 376 -7.60 -32.40 -27.86
C TYR B 376 -7.95 -32.37 -29.35
N LEU B 377 -8.98 -31.60 -29.68
CA LEU B 377 -9.43 -31.46 -31.07
C LEU B 377 -8.46 -30.64 -31.94
N VAL B 378 -7.79 -29.67 -31.35
CA VAL B 378 -6.87 -28.83 -32.11
C VAL B 378 -5.65 -29.61 -32.56
N ARG B 379 -5.27 -30.64 -31.81
CA ARG B 379 -4.13 -31.46 -32.19
C ARG B 379 -4.59 -32.46 -33.22
N LYS B 380 -5.91 -32.61 -33.32
CA LYS B 380 -6.51 -33.52 -34.30
C LYS B 380 -6.63 -32.81 -35.64
N GLY B 381 -6.30 -31.52 -35.66
CA GLY B 381 -6.37 -30.75 -36.89
C GLY B 381 -7.40 -29.65 -36.89
N MET B 382 -8.45 -29.82 -36.08
CA MET B 382 -9.52 -28.83 -36.00
C MET B 382 -9.01 -27.46 -35.53
N PRO B 383 -9.55 -26.38 -36.11
CA PRO B 383 -9.16 -25.00 -35.77
C PRO B 383 -9.62 -24.75 -34.34
N PHE B 384 -9.03 -23.77 -33.68
CA PHE B 384 -9.45 -23.50 -32.31
C PHE B 384 -10.91 -23.10 -32.14
N ARG B 385 -11.37 -22.12 -32.92
CA ARG B 385 -12.75 -21.68 -32.81
C ARG B 385 -13.69 -22.87 -32.84
N GLN B 386 -13.43 -23.78 -33.78
CA GLN B 386 -14.23 -24.97 -33.97
C GLN B 386 -14.23 -25.85 -32.72
N ALA B 387 -13.02 -26.14 -32.23
CA ALA B 387 -12.85 -26.98 -31.05
C ALA B 387 -13.48 -26.33 -29.81
N HIS B 388 -13.27 -25.03 -29.67
CA HIS B 388 -13.82 -24.31 -28.54
C HIS B 388 -15.33 -24.42 -28.54
N GLU B 389 -15.93 -24.29 -29.73
CA GLU B 389 -17.37 -24.38 -29.87
C GLU B 389 -17.85 -25.80 -29.56
N ALA B 390 -17.07 -26.78 -30.01
CA ALA B 390 -17.38 -28.19 -29.79
C ALA B 390 -17.37 -28.50 -28.30
N SER B 391 -16.29 -28.13 -27.63
CA SER B 391 -16.17 -28.36 -26.19
C SER B 391 -17.28 -27.60 -25.48
N GLY B 392 -17.83 -26.59 -26.15
CA GLY B 392 -18.91 -25.82 -25.57
C GLY B 392 -20.17 -26.66 -25.59
N LYS B 393 -20.37 -27.33 -26.71
CA LYS B 393 -21.54 -28.19 -26.87
C LYS B 393 -21.39 -29.30 -25.84
N ALA B 394 -20.19 -29.85 -25.72
CA ALA B 394 -19.92 -30.92 -24.75
C ALA B 394 -20.35 -30.50 -23.36
N VAL B 395 -19.95 -29.29 -22.98
CA VAL B 395 -20.29 -28.71 -21.68
C VAL B 395 -21.80 -28.65 -21.52
N PHE B 396 -22.47 -28.10 -22.53
CA PHE B 396 -23.92 -27.98 -22.51
C PHE B 396 -24.61 -29.32 -22.39
N MET B 397 -24.07 -30.32 -23.05
CA MET B 397 -24.65 -31.66 -23.00
C MET B 397 -24.74 -32.16 -21.56
N ALA B 398 -23.59 -32.50 -20.99
CA ALA B 398 -23.53 -33.01 -19.63
C ALA B 398 -24.41 -32.20 -18.68
N GLU B 399 -24.52 -30.90 -18.92
CA GLU B 399 -25.33 -30.05 -18.05
C GLU B 399 -26.80 -30.48 -18.07
N THR B 400 -27.36 -30.59 -19.26
CA THR B 400 -28.75 -31.00 -19.41
C THR B 400 -28.91 -32.41 -18.85
N LYS B 401 -27.97 -33.28 -19.15
CA LYS B 401 -28.00 -34.65 -18.67
C LYS B 401 -27.81 -34.68 -17.15
N GLY B 402 -27.44 -33.54 -16.58
CA GLY B 402 -27.24 -33.45 -15.15
C GLY B 402 -26.10 -34.31 -14.63
N VAL B 403 -24.98 -34.32 -15.36
CA VAL B 403 -23.83 -35.11 -14.94
C VAL B 403 -22.54 -34.32 -15.17
N ALA B 404 -21.42 -34.93 -14.81
CA ALA B 404 -20.13 -34.27 -14.96
C ALA B 404 -19.55 -34.44 -16.37
N LEU B 405 -18.77 -33.45 -16.78
CA LEU B 405 -18.15 -33.44 -18.11
C LEU B 405 -17.34 -34.69 -18.43
N ASN B 406 -16.89 -35.41 -17.41
CA ASN B 406 -16.08 -36.61 -17.61
C ASN B 406 -16.92 -37.87 -17.59
N GLN B 407 -18.23 -37.70 -17.60
CA GLN B 407 -19.13 -38.85 -17.59
C GLN B 407 -19.87 -39.01 -18.91
N LEU B 408 -19.48 -38.21 -19.90
CA LEU B 408 -20.09 -38.29 -21.21
C LEU B 408 -19.42 -39.49 -21.88
N SER B 409 -20.23 -40.37 -22.47
CA SER B 409 -19.72 -41.56 -23.14
C SER B 409 -18.92 -41.18 -24.37
N LEU B 410 -18.06 -42.07 -24.83
CA LEU B 410 -17.26 -41.80 -26.02
C LEU B 410 -18.27 -41.65 -27.16
N GLN B 411 -19.37 -42.37 -27.06
CA GLN B 411 -20.42 -42.32 -28.07
C GLN B 411 -21.10 -40.97 -28.02
N GLU B 412 -21.41 -40.52 -26.80
CA GLU B 412 -22.05 -39.23 -26.62
C GLU B 412 -21.18 -38.14 -27.21
N LEU B 413 -19.87 -38.26 -26.99
CA LEU B 413 -18.91 -37.28 -27.50
C LEU B 413 -18.89 -37.23 -29.01
N GLN B 414 -19.06 -38.39 -29.64
CA GLN B 414 -19.04 -38.46 -31.09
C GLN B 414 -20.27 -37.84 -31.75
N THR B 415 -21.31 -37.59 -30.96
CA THR B 415 -22.50 -36.95 -31.51
C THR B 415 -22.16 -35.47 -31.59
N ILE B 416 -20.99 -35.11 -31.08
CA ILE B 416 -20.49 -33.73 -31.09
C ILE B 416 -19.56 -33.60 -32.29
N SER B 417 -18.58 -34.50 -32.36
CA SER B 417 -17.62 -34.52 -33.45
C SER B 417 -17.09 -35.93 -33.65
N PRO B 418 -16.84 -36.30 -34.91
CA PRO B 418 -16.32 -37.62 -35.24
C PRO B 418 -14.85 -37.78 -34.86
N LEU B 419 -14.17 -36.66 -34.59
CA LEU B 419 -12.76 -36.70 -34.22
C LEU B 419 -12.52 -37.29 -32.84
N PHE B 420 -13.50 -37.18 -31.96
CA PHE B 420 -13.36 -37.73 -30.62
C PHE B 420 -13.14 -39.23 -30.71
N SER B 421 -11.94 -39.67 -30.37
CA SER B 421 -11.59 -41.08 -30.41
C SER B 421 -11.67 -41.71 -29.02
N GLY B 422 -11.07 -42.89 -28.89
CA GLY B 422 -11.09 -43.59 -27.61
C GLY B 422 -10.10 -43.08 -26.58
N ASP B 423 -9.04 -42.41 -27.04
CA ASP B 423 -8.03 -41.89 -26.14
C ASP B 423 -8.50 -40.67 -25.37
N VAL B 424 -9.65 -40.13 -25.75
CA VAL B 424 -10.21 -38.96 -25.08
C VAL B 424 -10.28 -39.10 -23.56
N ILE B 425 -10.27 -40.33 -23.06
CA ILE B 425 -10.33 -40.53 -21.62
C ILE B 425 -9.09 -39.99 -20.92
N CYS B 426 -8.07 -39.67 -21.71
CA CYS B 426 -6.82 -39.12 -21.18
C CYS B 426 -7.03 -37.70 -20.69
N VAL B 427 -8.01 -37.02 -21.27
CA VAL B 427 -8.33 -35.64 -20.88
C VAL B 427 -8.85 -35.58 -19.44
N TRP B 428 -9.56 -36.61 -19.01
CA TRP B 428 -10.13 -36.65 -17.67
C TRP B 428 -9.11 -36.79 -16.54
N ASP B 429 -7.83 -36.88 -16.91
CA ASP B 429 -6.78 -37.00 -15.91
C ASP B 429 -6.13 -35.64 -15.69
N TYR B 430 -6.23 -35.13 -14.46
CA TYR B 430 -5.64 -33.84 -14.11
C TYR B 430 -4.12 -33.88 -14.33
N ARG B 431 -3.56 -35.08 -14.20
CA ARG B 431 -2.14 -35.28 -14.38
C ARG B 431 -1.82 -35.00 -15.86
N HIS B 432 -2.61 -35.57 -16.76
CA HIS B 432 -2.43 -35.39 -18.19
C HIS B 432 -2.54 -33.92 -18.60
N SER B 433 -3.42 -33.21 -17.91
CA SER B 433 -3.66 -31.80 -18.16
C SER B 433 -2.41 -30.92 -17.97
N VAL B 434 -1.74 -31.03 -16.84
CA VAL B 434 -0.56 -30.21 -16.58
C VAL B 434 0.59 -30.55 -17.51
N GLU B 435 0.62 -31.80 -17.99
CA GLU B 435 1.69 -32.22 -18.88
C GLU B 435 1.59 -31.64 -20.27
N GLN B 436 0.54 -30.87 -20.53
CA GLN B 436 0.37 -30.26 -21.84
C GLN B 436 1.34 -29.10 -21.99
N TYR B 437 1.62 -28.43 -20.88
CA TYR B 437 2.49 -27.27 -20.86
C TYR B 437 3.98 -27.57 -20.85
N GLY B 438 4.44 -28.20 -21.92
CA GLY B 438 5.84 -28.56 -22.03
C GLY B 438 6.75 -27.43 -22.48
N ALA B 439 6.17 -26.39 -23.07
CA ALA B 439 6.96 -25.26 -23.52
C ALA B 439 7.66 -24.66 -22.31
N LEU B 440 8.94 -24.32 -22.46
CA LEU B 440 9.72 -23.76 -21.36
C LEU B 440 8.97 -22.71 -20.55
N GLY B 441 8.92 -22.92 -19.24
CA GLY B 441 8.22 -21.99 -18.37
C GLY B 441 6.84 -22.49 -17.99
N GLY B 442 6.40 -23.57 -18.63
CA GLY B 442 5.09 -24.14 -18.36
C GLY B 442 5.06 -25.03 -17.13
N THR B 443 3.86 -25.41 -16.71
CA THR B 443 3.69 -26.25 -15.53
C THR B 443 3.97 -27.73 -15.70
N ALA B 444 4.34 -28.17 -16.89
CA ALA B 444 4.64 -29.59 -17.12
C ALA B 444 5.90 -30.00 -16.34
N ARG B 445 5.88 -31.22 -15.79
CA ARG B 445 6.99 -31.75 -15.00
C ARG B 445 8.39 -31.50 -15.56
N SER B 446 8.56 -31.74 -16.85
CA SER B 446 9.87 -31.55 -17.48
C SER B 446 10.28 -30.08 -17.43
N SER B 447 9.29 -29.20 -17.60
CA SER B 447 9.53 -27.78 -17.59
C SER B 447 9.98 -27.33 -16.21
N VAL B 448 9.36 -27.93 -15.19
CA VAL B 448 9.69 -27.63 -13.81
C VAL B 448 11.13 -28.05 -13.52
N ASP B 449 11.59 -29.12 -14.17
CA ASP B 449 12.96 -29.56 -13.98
C ASP B 449 13.85 -28.51 -14.61
N TRP B 450 13.44 -28.03 -15.78
CA TRP B 450 14.18 -27.01 -16.49
C TRP B 450 14.32 -25.77 -15.61
N GLN B 451 13.22 -25.37 -14.97
CA GLN B 451 13.24 -24.21 -14.10
C GLN B 451 14.24 -24.40 -12.95
N ILE B 452 14.13 -25.52 -12.25
CA ILE B 452 15.01 -25.82 -11.14
C ILE B 452 16.49 -25.74 -11.54
N ARG B 453 16.84 -26.27 -12.71
CA ARG B 453 18.23 -26.20 -13.13
C ARG B 453 18.60 -24.74 -13.37
N GLN B 454 17.72 -24.04 -14.07
CA GLN B 454 17.94 -22.64 -14.40
C GLN B 454 18.21 -21.78 -13.17
N VAL B 455 17.37 -21.92 -12.13
CA VAL B 455 17.55 -21.14 -10.91
C VAL B 455 18.82 -21.58 -10.16
N ARG B 456 19.08 -22.88 -10.15
CA ARG B 456 20.26 -23.41 -9.48
C ARG B 456 21.49 -22.69 -10.06
N ALA B 457 21.51 -22.57 -11.38
CA ALA B 457 22.61 -21.93 -12.09
C ALA B 457 22.73 -20.43 -11.79
N LEU B 458 21.60 -19.74 -11.73
CA LEU B 458 21.62 -18.30 -11.43
C LEU B 458 22.26 -18.09 -10.08
N LEU B 459 21.83 -18.89 -9.10
CA LEU B 459 22.37 -18.78 -7.76
C LEU B 459 23.87 -18.98 -7.81
N GLN B 460 24.30 -19.94 -8.61
CA GLN B 460 25.71 -20.25 -8.76
C GLN B 460 26.50 -19.09 -9.37
N ALA B 461 25.97 -18.52 -10.44
CA ALA B 461 26.63 -17.41 -11.11
C ALA B 461 26.73 -16.21 -10.18
N GLN B 462 25.78 -16.10 -9.25
CA GLN B 462 25.77 -15.00 -8.31
C GLN B 462 26.71 -15.18 -7.14
N GLN B 463 27.19 -16.40 -6.94
CA GLN B 463 28.13 -16.69 -5.86
C GLN B 463 29.52 -16.25 -6.26
N ALA B 464 29.85 -16.43 -7.54
CA ALA B 464 31.13 -16.05 -8.10
C ALA B 464 32.27 -15.96 -7.09
#